data_2E21
#
_entry.id   2E21
#
_cell.length_a   94.456
_cell.length_b   82.231
_cell.length_c   109.431
_cell.angle_alpha   90.00
_cell.angle_beta   105.85
_cell.angle_gamma   90.00
#
_symmetry.space_group_name_H-M   'P 1 21 1'
#
loop_
_entity.id
_entity.type
_entity.pdbx_description
1 polymer 'tRNA(Ile)-lysidine synthase'
2 non-polymer 'PHOSPHOAMINOPHOSPHONIC ACID-ADENYLATE ESTER'
3 water water
#
_entity_poly.entity_id   1
_entity_poly.type   'polypeptide(L)'
_entity_poly.pdbx_seq_one_letter_code
;MNPESRVIRKVLALQNDEKIFSGERRVLIAFSGGVDSVVLTDVLLKLKNYFSLKEVALAHFNHMLRESAERDEEFCKEFA
KERNMKIFVGKEDVRAFAKENRMSLEEAGRFLRYKFLKEILESEGFDCIATAHHLNDLLETSLLFFTRGTGLDGLIGFLP
KEEVIRRPLYYVKRSEIEEYAKFKGLRWVEDETNYEVSIPRNRIRHRVIPELKRINENLEDTFLKMVKVLRAEREFLEEE
AQKLYKEVKKGNCLDVKKLKEKPLALQRRVIRKFIGEKDYEKVELVRSLLEKGGEVNLGKGKVLKRKERWLCFSPEV
;
_entity_poly.pdbx_strand_id   A,B,C,D
#
loop_
_chem_comp.id
_chem_comp.type
_chem_comp.name
_chem_comp.formula
ANP non-polymer 'PHOSPHOAMINOPHOSPHONIC ACID-ADENYLATE ESTER' 'C10 H17 N6 O12 P3'
#
# COMPACT_ATOMS: atom_id res chain seq x y z
N MET A 1 18.78 -18.52 -33.61
CA MET A 1 19.10 -17.25 -34.33
C MET A 1 19.89 -16.30 -33.43
N ASN A 2 20.57 -15.34 -34.05
CA ASN A 2 21.34 -14.37 -33.28
C ASN A 2 20.53 -13.08 -33.11
N PRO A 3 20.97 -12.19 -32.22
CA PRO A 3 20.27 -10.94 -31.98
C PRO A 3 19.95 -10.10 -33.20
N GLU A 4 20.73 -10.26 -34.25
CA GLU A 4 20.46 -9.48 -35.43
C GLU A 4 19.17 -9.96 -36.07
N SER A 5 19.11 -11.25 -36.33
CA SER A 5 17.94 -11.84 -36.95
C SER A 5 16.70 -11.59 -36.11
N ARG A 6 16.84 -11.82 -34.82
CA ARG A 6 15.73 -11.64 -33.91
C ARG A 6 15.02 -10.30 -34.15
N VAL A 7 15.77 -9.24 -34.39
CA VAL A 7 15.16 -7.94 -34.63
C VAL A 7 14.68 -7.74 -36.06
N ILE A 8 15.57 -7.91 -37.02
CA ILE A 8 15.23 -7.71 -38.42
C ILE A 8 14.03 -8.56 -38.84
N ARG A 9 13.95 -9.80 -38.34
CA ARG A 9 12.82 -10.64 -38.73
C ARG A 9 11.54 -9.90 -38.36
N LYS A 10 11.51 -9.37 -37.15
CA LYS A 10 10.35 -8.64 -36.68
C LYS A 10 10.12 -7.38 -37.49
N VAL A 11 11.19 -6.71 -37.91
CA VAL A 11 11.02 -5.51 -38.69
C VAL A 11 10.42 -5.84 -40.05
N LEU A 12 10.79 -6.97 -40.61
CA LEU A 12 10.25 -7.37 -41.90
C LEU A 12 8.85 -7.93 -41.68
N ALA A 13 8.66 -8.61 -40.56
CA ALA A 13 7.36 -9.17 -40.23
C ALA A 13 6.35 -8.04 -40.20
N LEU A 14 6.77 -6.91 -39.65
CA LEU A 14 5.93 -5.73 -39.53
C LEU A 14 5.71 -5.15 -40.92
N GLN A 15 6.76 -5.10 -41.73
CA GLN A 15 6.61 -4.53 -43.06
C GLN A 15 5.53 -5.28 -43.83
N ASN A 16 5.50 -6.59 -43.66
CA ASN A 16 4.54 -7.39 -44.36
C ASN A 16 3.11 -7.13 -43.90
N ASP A 17 2.92 -7.12 -42.59
CA ASP A 17 1.62 -6.91 -41.99
C ASP A 17 1.04 -5.49 -42.12
N GLU A 18 1.90 -4.49 -42.24
CA GLU A 18 1.40 -3.12 -42.29
C GLU A 18 1.85 -2.33 -43.48
N LYS A 19 2.73 -2.89 -44.29
CA LYS A 19 3.24 -2.16 -45.44
C LYS A 19 3.84 -0.85 -44.94
N ILE A 20 4.72 -0.93 -43.94
CA ILE A 20 5.34 0.27 -43.36
C ILE A 20 5.92 1.22 -44.39
N PHE A 21 6.63 0.66 -45.37
CA PHE A 21 7.21 1.47 -46.42
C PHE A 21 6.59 0.95 -47.68
N SER A 22 6.01 1.83 -48.46
CA SER A 22 5.36 1.40 -49.67
C SER A 22 5.47 2.41 -50.78
N GLY A 23 6.47 3.28 -50.72
CA GLY A 23 6.62 4.27 -51.76
C GLY A 23 7.43 5.44 -51.28
N GLU A 24 7.43 5.66 -49.97
CA GLU A 24 8.19 6.73 -49.36
C GLU A 24 9.61 6.67 -49.92
N ARG A 25 10.20 7.83 -50.22
CA ARG A 25 11.55 7.84 -50.76
C ARG A 25 12.60 8.45 -49.84
N ARG A 26 12.21 9.45 -49.04
CA ARG A 26 13.14 10.10 -48.13
C ARG A 26 12.61 9.94 -46.70
N VAL A 27 13.34 9.18 -45.89
CA VAL A 27 12.95 8.92 -44.50
C VAL A 27 13.71 9.74 -43.47
N LEU A 28 12.98 10.53 -42.70
CA LEU A 28 13.57 11.35 -41.66
C LEU A 28 13.44 10.58 -40.36
N ILE A 29 14.57 10.18 -39.78
CA ILE A 29 14.52 9.45 -38.55
C ILE A 29 14.54 10.40 -37.37
N ALA A 30 13.65 10.17 -36.42
CA ALA A 30 13.55 10.97 -35.21
C ALA A 30 14.68 10.37 -34.37
N PHE A 31 15.87 10.94 -34.50
CA PHE A 31 17.03 10.42 -33.81
C PHE A 31 17.35 11.00 -32.44
N SER A 32 17.04 10.24 -31.39
CA SER A 32 17.32 10.68 -30.04
C SER A 32 18.79 10.46 -29.69
N GLY A 33 19.33 9.32 -30.10
CA GLY A 33 20.70 9.00 -29.78
C GLY A 33 20.74 7.78 -28.87
N GLY A 34 19.56 7.38 -28.38
CA GLY A 34 19.46 6.23 -27.50
C GLY A 34 19.46 4.94 -28.31
N VAL A 35 19.50 3.78 -27.65
CA VAL A 35 19.52 2.52 -28.38
C VAL A 35 18.47 2.39 -29.45
N ASP A 36 17.21 2.55 -29.07
CA ASP A 36 16.14 2.44 -30.03
C ASP A 36 16.51 3.16 -31.31
N SER A 37 16.85 4.44 -31.19
CA SER A 37 17.21 5.24 -32.35
C SER A 37 18.44 4.69 -33.04
N VAL A 38 19.43 4.30 -32.24
CA VAL A 38 20.64 3.75 -32.80
C VAL A 38 20.30 2.49 -33.56
N VAL A 39 19.61 1.58 -32.90
CA VAL A 39 19.23 0.34 -33.56
C VAL A 39 18.30 0.61 -34.75
N LEU A 40 17.32 1.49 -34.57
CA LEU A 40 16.42 1.80 -35.67
C LEU A 40 17.24 2.20 -36.89
N THR A 41 18.16 3.12 -36.69
CA THR A 41 19.00 3.62 -37.77
C THR A 41 19.83 2.50 -38.36
N ASP A 42 20.53 1.78 -37.49
CA ASP A 42 21.35 0.66 -37.93
C ASP A 42 20.48 -0.21 -38.82
N VAL A 43 19.32 -0.61 -38.29
CA VAL A 43 18.39 -1.44 -39.06
C VAL A 43 17.94 -0.81 -40.37
N LEU A 44 17.43 0.41 -40.33
CA LEU A 44 16.99 1.04 -41.58
C LEU A 44 18.13 1.19 -42.58
N LEU A 45 19.35 1.39 -42.09
CA LEU A 45 20.47 1.54 -42.99
C LEU A 45 20.78 0.18 -43.63
N LYS A 46 20.48 -0.89 -42.91
CA LYS A 46 20.70 -2.24 -43.42
C LYS A 46 19.61 -2.65 -44.41
N LEU A 47 18.51 -1.91 -44.46
CA LEU A 47 17.42 -2.24 -45.36
C LEU A 47 17.14 -1.10 -46.31
N LYS A 48 17.99 -0.08 -46.24
CA LYS A 48 17.90 1.11 -47.08
C LYS A 48 17.29 0.77 -48.45
N ASN A 49 17.95 -0.12 -49.19
CA ASN A 49 17.49 -0.50 -50.51
C ASN A 49 16.27 -1.41 -50.43
N TYR A 50 16.31 -2.36 -49.51
CA TYR A 50 15.20 -3.28 -49.35
C TYR A 50 13.88 -2.53 -49.33
N PHE A 51 13.85 -1.39 -48.63
CA PHE A 51 12.65 -0.56 -48.50
C PHE A 51 12.53 0.50 -49.58
N SER A 52 13.54 0.54 -50.45
CA SER A 52 13.55 1.47 -51.57
C SER A 52 13.59 2.93 -51.18
N LEU A 53 14.38 3.22 -50.15
CA LEU A 53 14.54 4.58 -49.67
C LEU A 53 15.63 5.26 -50.50
N LYS A 54 15.42 6.51 -50.88
CA LYS A 54 16.43 7.23 -51.65
C LYS A 54 17.38 7.92 -50.67
N GLU A 55 16.95 8.08 -49.44
CA GLU A 55 17.78 8.73 -48.45
C GLU A 55 17.21 8.56 -47.05
N VAL A 56 18.11 8.34 -46.09
CA VAL A 56 17.73 8.19 -44.70
C VAL A 56 18.51 9.27 -43.96
N ALA A 57 17.79 10.14 -43.27
CA ALA A 57 18.40 11.23 -42.54
C ALA A 57 18.07 11.23 -41.07
N LEU A 58 18.94 11.85 -40.29
CA LEU A 58 18.73 11.95 -38.86
C LEU A 58 18.16 13.32 -38.54
N ALA A 59 17.36 13.37 -37.48
CA ALA A 59 16.75 14.60 -37.02
C ALA A 59 16.75 14.54 -35.50
N HIS A 60 17.77 15.12 -34.89
CA HIS A 60 17.89 15.15 -33.44
C HIS A 60 17.37 16.47 -32.91
N PHE A 61 16.62 16.40 -31.83
CA PHE A 61 16.09 17.60 -31.24
C PHE A 61 16.69 17.77 -29.85
N ASN A 62 17.38 18.88 -29.65
CA ASN A 62 18.00 19.19 -28.38
C ASN A 62 16.93 19.89 -27.55
N HIS A 63 16.43 19.21 -26.52
CA HIS A 63 15.39 19.77 -25.66
C HIS A 63 15.93 20.91 -24.81
N MET A 64 17.21 20.81 -24.47
CA MET A 64 17.86 21.81 -23.62
C MET A 64 17.24 21.74 -22.24
N LEU A 65 17.35 20.57 -21.63
CA LEU A 65 16.84 20.32 -20.30
C LEU A 65 18.00 19.77 -19.47
N ARG A 66 18.62 18.72 -19.98
CA ARG A 66 19.75 18.09 -19.31
C ARG A 66 21.03 18.80 -19.71
N GLU A 67 22.04 18.70 -18.87
CA GLU A 67 23.34 19.30 -19.15
C GLU A 67 23.97 18.42 -20.25
N SER A 68 23.78 17.11 -20.11
CA SER A 68 24.29 16.13 -21.05
C SER A 68 23.71 16.35 -22.45
N ALA A 69 22.48 16.86 -22.49
CA ALA A 69 21.79 17.13 -23.74
C ALA A 69 22.74 17.73 -24.78
N GLU A 70 23.83 18.29 -24.30
CA GLU A 70 24.83 18.89 -25.17
C GLU A 70 25.71 17.80 -25.76
N ARG A 71 26.36 17.01 -24.90
CA ARG A 71 27.23 15.95 -25.37
C ARG A 71 26.39 15.09 -26.30
N ASP A 72 25.10 14.97 -25.97
CA ASP A 72 24.16 14.19 -26.77
C ASP A 72 24.06 14.73 -28.19
N GLU A 73 23.80 16.03 -28.32
CA GLU A 73 23.72 16.62 -29.66
C GLU A 73 25.03 16.29 -30.38
N GLU A 74 26.15 16.50 -29.70
CA GLU A 74 27.45 16.21 -30.31
C GLU A 74 27.59 14.74 -30.68
N PHE A 75 27.00 13.86 -29.87
CA PHE A 75 27.06 12.43 -30.15
C PHE A 75 26.38 12.11 -31.46
N CYS A 76 25.15 12.60 -31.60
CA CYS A 76 24.37 12.36 -32.80
C CYS A 76 25.05 12.96 -34.01
N LYS A 77 25.76 14.06 -33.81
CA LYS A 77 26.49 14.69 -34.91
C LYS A 77 27.63 13.78 -35.32
N GLU A 78 28.24 13.12 -34.35
CA GLU A 78 29.35 12.21 -34.63
C GLU A 78 28.79 10.94 -35.25
N PHE A 79 27.77 10.37 -34.58
CA PHE A 79 27.10 9.16 -35.04
C PHE A 79 26.77 9.35 -36.49
N ALA A 80 26.05 10.44 -36.78
CA ALA A 80 25.64 10.76 -38.14
C ALA A 80 26.82 10.76 -39.12
N LYS A 81 27.95 11.30 -38.69
CA LYS A 81 29.14 11.36 -39.53
C LYS A 81 29.75 9.97 -39.66
N GLU A 82 29.75 9.19 -38.58
CA GLU A 82 30.29 7.85 -38.62
C GLU A 82 29.52 7.07 -39.68
N ARG A 83 28.27 7.45 -39.88
CA ARG A 83 27.39 6.79 -40.85
C ARG A 83 27.30 7.51 -42.19
N ASN A 84 27.93 8.68 -42.28
CA ASN A 84 27.87 9.46 -43.51
C ASN A 84 26.43 9.83 -43.78
N MET A 85 25.72 10.17 -42.71
CA MET A 85 24.31 10.52 -42.76
C MET A 85 24.06 11.99 -42.59
N LYS A 86 23.03 12.47 -43.27
CA LYS A 86 22.65 13.87 -43.16
C LYS A 86 21.88 13.93 -41.84
N ILE A 87 22.16 14.95 -41.03
CA ILE A 87 21.48 15.10 -39.76
C ILE A 87 21.04 16.54 -39.57
N PHE A 88 19.86 16.73 -38.99
CA PHE A 88 19.33 18.05 -38.75
C PHE A 88 19.16 18.26 -37.25
N VAL A 89 20.08 19.01 -36.67
CA VAL A 89 20.04 19.28 -35.24
C VAL A 89 19.09 20.45 -34.98
N GLY A 90 18.55 20.50 -33.77
CA GLY A 90 17.65 21.58 -33.42
C GLY A 90 17.61 21.94 -31.95
N LYS A 91 18.08 23.13 -31.62
CA LYS A 91 18.08 23.63 -30.26
C LYS A 91 16.75 24.36 -30.06
N GLU A 92 16.20 24.28 -28.86
CA GLU A 92 14.96 24.95 -28.54
C GLU A 92 14.82 25.00 -27.04
N ASP A 93 14.33 26.12 -26.54
CA ASP A 93 14.15 26.32 -25.11
C ASP A 93 12.87 25.61 -24.69
N VAL A 94 12.89 24.28 -24.62
CA VAL A 94 11.69 23.55 -24.22
C VAL A 94 11.22 24.18 -22.94
N ARG A 95 12.11 24.20 -21.94
CA ARG A 95 11.84 24.78 -20.65
C ARG A 95 11.09 26.10 -20.70
N ALA A 96 11.44 27.03 -21.63
CA ALA A 96 10.83 28.35 -21.90
C ALA A 96 9.48 28.41 -22.69
N PHE A 97 9.50 27.99 -23.97
CA PHE A 97 8.30 27.91 -24.87
C PHE A 97 7.48 27.15 -23.84
N ALA A 98 8.34 26.55 -23.08
CA ALA A 98 7.98 25.75 -21.93
C ALA A 98 6.73 26.03 -21.26
N LYS A 99 5.61 25.48 -21.73
CA LYS A 99 4.52 25.53 -20.83
C LYS A 99 4.13 26.96 -20.44
N GLU A 100 4.55 27.90 -21.27
CA GLU A 100 4.26 29.28 -21.10
C GLU A 100 3.00 29.08 -21.89
N ASN A 101 2.92 27.94 -22.56
CA ASN A 101 1.76 27.66 -23.37
C ASN A 101 0.89 26.72 -22.56
N ARG A 102 1.19 26.63 -21.27
CA ARG A 102 0.49 25.76 -20.32
C ARG A 102 0.51 24.29 -20.74
N MET A 103 1.60 23.59 -20.42
CA MET A 103 1.77 22.19 -20.80
C MET A 103 3.06 21.58 -20.26
N SER A 104 2.93 20.44 -19.60
CA SER A 104 4.09 19.75 -19.03
C SER A 104 5.28 19.82 -19.97
N LEU A 105 6.49 19.80 -19.39
CA LEU A 105 7.70 19.85 -20.21
C LEU A 105 7.58 18.82 -21.32
N GLU A 106 7.14 17.62 -20.96
CA GLU A 106 6.97 16.56 -21.93
C GLU A 106 6.06 17.07 -23.04
N GLU A 107 4.82 17.39 -22.70
CA GLU A 107 3.85 17.89 -23.68
C GLU A 107 4.51 18.88 -24.63
N ALA A 108 5.22 19.86 -24.07
CA ALA A 108 5.89 20.88 -24.87
C ALA A 108 7.00 20.29 -25.72
N GLY A 109 7.83 19.46 -25.10
CA GLY A 109 8.92 18.82 -25.83
C GLY A 109 8.35 18.02 -26.97
N ARG A 110 7.28 17.30 -26.69
CA ARG A 110 6.61 16.50 -27.69
C ARG A 110 6.23 17.45 -28.81
N PHE A 111 5.48 18.49 -28.47
CA PHE A 111 5.03 19.49 -29.44
C PHE A 111 6.19 20.02 -30.27
N LEU A 112 7.15 20.65 -29.60
CA LEU A 112 8.29 21.24 -30.25
C LEU A 112 9.04 20.23 -31.11
N ARG A 113 9.25 19.03 -30.58
CA ARG A 113 9.96 18.00 -31.32
C ARG A 113 9.22 17.71 -32.63
N TYR A 114 8.00 17.18 -32.52
CA TYR A 114 7.22 16.85 -33.69
C TYR A 114 6.97 18.07 -34.55
N LYS A 115 6.98 19.25 -33.94
CA LYS A 115 6.80 20.47 -34.71
C LYS A 115 8.06 20.54 -35.58
N PHE A 116 9.19 20.49 -34.89
CA PHE A 116 10.50 20.53 -35.51
C PHE A 116 10.65 19.47 -36.59
N LEU A 117 10.22 18.26 -36.27
CA LEU A 117 10.30 17.16 -37.23
C LEU A 117 9.39 17.47 -38.42
N LYS A 118 8.13 17.80 -38.15
CA LYS A 118 7.19 18.10 -39.20
C LYS A 118 7.72 19.27 -40.03
N GLU A 119 8.47 20.15 -39.36
CA GLU A 119 9.08 21.30 -40.02
C GLU A 119 10.13 20.82 -41.00
N ILE A 120 11.04 19.96 -40.52
CA ILE A 120 12.10 19.44 -41.38
C ILE A 120 11.51 18.66 -42.54
N LEU A 121 10.47 17.87 -42.24
CA LEU A 121 9.81 17.05 -43.25
C LEU A 121 9.27 17.89 -44.40
N GLU A 122 8.61 19.00 -44.06
CA GLU A 122 8.05 19.88 -45.09
C GLU A 122 9.10 20.69 -45.83
N SER A 123 9.94 21.40 -45.08
CA SER A 123 10.97 22.22 -45.70
C SER A 123 11.97 21.45 -46.57
N GLU A 124 12.50 20.35 -46.05
CA GLU A 124 13.48 19.59 -46.83
C GLU A 124 12.91 18.48 -47.71
N GLY A 125 11.60 18.31 -47.66
CA GLY A 125 10.97 17.31 -48.51
C GLY A 125 11.19 15.86 -48.16
N PHE A 126 10.54 15.41 -47.10
CA PHE A 126 10.61 14.02 -46.69
C PHE A 126 9.21 13.50 -46.82
N ASP A 127 9.10 12.21 -47.11
CA ASP A 127 7.80 11.60 -47.29
C ASP A 127 7.25 11.08 -45.98
N CYS A 128 8.10 10.93 -44.98
CA CYS A 128 7.66 10.43 -43.69
C CYS A 128 8.75 10.51 -42.62
N ILE A 129 8.33 10.29 -41.38
CA ILE A 129 9.23 10.31 -40.24
C ILE A 129 9.18 8.95 -39.58
N ALA A 130 10.34 8.34 -39.39
CA ALA A 130 10.37 7.04 -38.74
C ALA A 130 10.82 7.21 -37.30
N THR A 131 10.10 6.55 -36.42
CA THR A 131 10.36 6.61 -35.01
C THR A 131 10.90 5.28 -34.50
N ALA A 132 11.53 5.30 -33.33
CA ALA A 132 12.06 4.09 -32.75
C ALA A 132 11.06 3.48 -31.76
N HIS A 133 9.79 3.89 -31.87
CA HIS A 133 8.74 3.35 -31.00
C HIS A 133 8.71 1.84 -31.18
N HIS A 134 8.78 1.10 -30.08
CA HIS A 134 8.80 -0.34 -30.15
C HIS A 134 7.75 -1.01 -29.28
N LEU A 135 7.69 -2.34 -29.35
CA LEU A 135 6.71 -3.10 -28.62
C LEU A 135 6.61 -2.80 -27.14
N ASN A 136 7.73 -2.54 -26.47
CA ASN A 136 7.63 -2.23 -25.05
C ASN A 136 6.99 -0.85 -24.87
N ASP A 137 7.19 0.03 -25.84
CA ASP A 137 6.59 1.35 -25.78
C ASP A 137 5.10 1.15 -25.88
N LEU A 138 4.67 0.33 -26.84
CA LEU A 138 3.26 0.05 -27.04
C LEU A 138 2.65 -0.49 -25.76
N LEU A 139 3.28 -1.53 -25.20
CA LEU A 139 2.82 -2.14 -23.97
C LEU A 139 2.63 -1.02 -22.94
N GLU A 140 3.63 -0.15 -22.82
CA GLU A 140 3.57 0.96 -21.87
C GLU A 140 2.41 1.93 -22.11
N THR A 141 2.24 2.33 -23.36
CA THR A 141 1.18 3.23 -23.78
C THR A 141 -0.19 2.60 -23.50
N SER A 142 -0.32 1.33 -23.85
CA SER A 142 -1.56 0.61 -23.66
C SER A 142 -1.94 0.61 -22.17
N LEU A 143 -1.00 0.28 -21.31
CA LEU A 143 -1.27 0.28 -19.88
C LEU A 143 -1.57 1.69 -19.39
N LEU A 144 -0.90 2.68 -19.99
CA LEU A 144 -1.11 4.06 -19.58
C LEU A 144 -2.55 4.43 -19.82
N PHE A 145 -3.03 4.14 -21.01
CA PHE A 145 -4.40 4.43 -21.39
C PHE A 145 -5.37 3.52 -20.64
N PHE A 146 -4.96 2.28 -20.40
CA PHE A 146 -5.79 1.35 -19.68
C PHE A 146 -6.06 2.01 -18.35
N THR A 147 -5.00 2.55 -17.77
CA THR A 147 -5.01 3.23 -16.48
C THR A 147 -5.85 4.49 -16.48
N ARG A 148 -5.60 5.35 -17.44
CA ARG A 148 -6.30 6.63 -17.53
C ARG A 148 -7.73 6.49 -17.97
N GLY A 149 -8.23 5.27 -17.94
CA GLY A 149 -9.59 5.03 -18.37
C GLY A 149 -9.62 5.28 -19.85
N THR A 150 -10.23 4.37 -20.60
CA THR A 150 -10.27 4.53 -22.04
C THR A 150 -11.02 3.40 -22.68
N GLY A 151 -11.05 3.41 -24.00
CA GLY A 151 -11.72 2.35 -24.73
C GLY A 151 -10.71 1.59 -25.57
N LEU A 152 -11.19 0.98 -26.65
CA LEU A 152 -10.30 0.24 -27.50
C LEU A 152 -9.27 1.19 -28.06
N ASP A 153 -9.72 2.37 -28.47
CA ASP A 153 -8.82 3.37 -29.05
C ASP A 153 -7.50 3.51 -28.29
N GLY A 154 -7.57 3.71 -26.98
CA GLY A 154 -6.34 3.88 -26.24
C GLY A 154 -5.68 2.55 -25.96
N LEU A 155 -6.49 1.50 -25.90
CA LEU A 155 -5.97 0.15 -25.64
C LEU A 155 -5.04 -0.26 -26.77
N ILE A 156 -5.41 0.09 -27.99
CA ILE A 156 -4.63 -0.22 -29.17
C ILE A 156 -3.32 0.53 -29.16
N GLY A 157 -3.31 1.70 -28.53
CA GLY A 157 -2.10 2.51 -28.50
C GLY A 157 -1.87 3.06 -29.89
N PHE A 158 -0.63 3.38 -30.22
CA PHE A 158 -0.32 3.90 -31.53
C PHE A 158 -0.30 2.74 -32.51
N LEU A 159 -0.41 3.09 -33.78
CA LEU A 159 -0.40 2.12 -34.87
C LEU A 159 0.98 2.05 -35.49
N PRO A 160 1.28 0.97 -36.20
CA PRO A 160 2.63 0.90 -36.79
C PRO A 160 2.91 1.95 -37.87
N LYS A 161 1.85 2.39 -38.51
CA LYS A 161 1.90 3.40 -39.57
C LYS A 161 0.77 4.37 -39.26
N GLU A 162 1.05 5.67 -39.30
CA GLU A 162 -0.01 6.62 -38.99
C GLU A 162 0.30 8.00 -39.56
N GLU A 163 -0.60 8.47 -40.42
CA GLU A 163 -0.41 9.76 -41.06
C GLU A 163 1.01 9.73 -41.64
N VAL A 164 1.85 10.69 -41.27
CA VAL A 164 3.19 10.73 -41.83
C VAL A 164 4.24 10.04 -40.97
N ILE A 165 3.79 9.27 -39.98
CA ILE A 165 4.72 8.57 -39.11
C ILE A 165 4.76 7.08 -39.35
N ARG A 166 5.94 6.50 -39.12
CA ARG A 166 6.18 5.08 -39.30
C ARG A 166 6.95 4.60 -38.10
N ARG A 167 6.60 3.43 -37.59
CA ARG A 167 7.31 2.87 -36.46
C ARG A 167 7.76 1.43 -36.77
N PRO A 168 8.93 1.29 -37.43
CA PRO A 168 9.55 0.02 -37.84
C PRO A 168 9.88 -1.00 -36.74
N LEU A 169 10.05 -0.52 -35.51
CA LEU A 169 10.36 -1.40 -34.37
C LEU A 169 9.12 -1.79 -33.57
N TYR A 170 7.96 -1.53 -34.15
CA TYR A 170 6.69 -1.87 -33.50
C TYR A 170 6.69 -3.25 -32.82
N TYR A 171 6.99 -4.33 -33.56
CA TYR A 171 7.00 -5.69 -32.99
C TYR A 171 8.19 -6.02 -32.09
N VAL A 172 9.23 -5.19 -32.15
CA VAL A 172 10.44 -5.46 -31.38
C VAL A 172 10.40 -5.10 -29.91
N LYS A 173 10.91 -6.02 -29.08
CA LYS A 173 10.97 -5.83 -27.64
C LYS A 173 12.18 -4.98 -27.31
N ARG A 174 12.10 -4.22 -26.23
CA ARG A 174 13.22 -3.37 -25.85
C ARG A 174 14.47 -4.25 -25.63
N SER A 175 14.28 -5.39 -25.00
CA SER A 175 15.40 -6.29 -24.73
C SER A 175 16.09 -6.76 -26.01
N GLU A 176 15.30 -7.04 -27.04
CA GLU A 176 15.84 -7.49 -28.31
C GLU A 176 16.64 -6.37 -28.92
N ILE A 177 16.19 -5.14 -28.68
CA ILE A 177 16.90 -3.98 -29.20
C ILE A 177 18.23 -3.85 -28.47
N GLU A 178 18.25 -4.20 -27.20
CA GLU A 178 19.47 -4.08 -26.44
C GLU A 178 20.46 -5.19 -26.76
N GLU A 179 19.95 -6.42 -26.91
CA GLU A 179 20.80 -7.55 -27.23
C GLU A 179 21.47 -7.24 -28.57
N TYR A 180 20.68 -6.61 -29.44
CA TYR A 180 21.10 -6.24 -30.76
C TYR A 180 22.23 -5.22 -30.74
N ALA A 181 22.01 -4.11 -30.05
CA ALA A 181 23.04 -3.07 -29.98
C ALA A 181 24.34 -3.63 -29.38
N LYS A 182 24.22 -4.49 -28.38
CA LYS A 182 25.37 -5.08 -27.76
C LYS A 182 26.04 -5.99 -28.77
N PHE A 183 25.24 -6.87 -29.36
CA PHE A 183 25.77 -7.81 -30.33
C PHE A 183 26.56 -7.11 -31.40
N LYS A 184 26.05 -5.97 -31.87
CA LYS A 184 26.73 -5.22 -32.92
C LYS A 184 27.73 -4.22 -32.37
N GLY A 185 28.04 -4.33 -31.09
CA GLY A 185 28.99 -3.43 -30.46
C GLY A 185 28.75 -1.97 -30.81
N LEU A 186 27.48 -1.54 -30.74
CA LEU A 186 27.13 -0.17 -31.05
C LEU A 186 27.25 0.68 -29.78
N ARG A 187 27.43 2.00 -29.97
CA ARG A 187 27.53 2.93 -28.87
C ARG A 187 26.23 3.73 -28.86
N TRP A 188 25.84 4.26 -27.71
CA TRP A 188 24.60 5.01 -27.64
C TRP A 188 24.44 5.77 -26.33
N VAL A 189 23.57 6.77 -26.36
CA VAL A 189 23.28 7.59 -25.19
C VAL A 189 22.49 6.80 -24.16
N GLU A 190 22.92 6.90 -22.91
CA GLU A 190 22.28 6.22 -21.79
C GLU A 190 20.81 6.60 -21.72
N ASP A 191 20.00 5.74 -21.12
CA ASP A 191 18.56 5.96 -20.99
C ASP A 191 18.17 7.10 -20.03
N GLU A 192 18.22 6.82 -18.74
CA GLU A 192 17.86 7.79 -17.68
C GLU A 192 16.37 7.84 -17.31
N THR A 193 15.51 7.12 -18.03
CA THR A 193 14.09 7.14 -17.69
C THR A 193 13.89 6.44 -16.36
N ASN A 194 14.95 5.80 -15.87
CA ASN A 194 14.90 5.09 -14.60
C ASN A 194 15.05 6.08 -13.44
N TYR A 195 15.20 7.35 -13.78
CA TYR A 195 15.34 8.43 -12.80
C TYR A 195 14.23 9.43 -12.97
N GLU A 196 13.16 9.02 -13.64
CA GLU A 196 12.02 9.89 -13.87
C GLU A 196 10.70 9.14 -13.79
N VAL A 197 10.62 8.23 -12.84
CA VAL A 197 9.41 7.44 -12.64
C VAL A 197 8.25 8.41 -12.36
N SER A 198 8.62 9.66 -12.08
CA SER A 198 7.67 10.72 -11.80
C SER A 198 6.72 10.85 -12.99
N ILE A 199 7.16 10.34 -14.14
CA ILE A 199 6.34 10.38 -15.36
C ILE A 199 5.66 9.03 -15.45
N PRO A 200 4.33 9.02 -15.67
CA PRO A 200 3.54 7.79 -15.79
C PRO A 200 4.19 6.71 -16.65
N ARG A 201 4.55 7.08 -17.88
CA ARG A 201 5.18 6.14 -18.79
C ARG A 201 6.35 5.48 -18.07
N ASN A 202 7.27 6.28 -17.57
CA ASN A 202 8.42 5.75 -16.87
C ASN A 202 8.08 4.85 -15.69
N ARG A 203 6.95 5.15 -15.03
CA ARG A 203 6.52 4.34 -13.88
C ARG A 203 6.01 2.98 -14.36
N ILE A 204 5.19 3.03 -15.40
CA ILE A 204 4.67 1.81 -15.98
C ILE A 204 5.86 0.93 -16.34
N ARG A 205 6.81 1.53 -17.04
CA ARG A 205 7.99 0.82 -17.49
C ARG A 205 8.87 0.13 -16.47
N HIS A 206 9.34 0.88 -15.48
CA HIS A 206 10.25 0.34 -14.48
C HIS A 206 9.60 -0.26 -13.23
N ARG A 207 8.43 0.24 -12.87
CA ARG A 207 7.80 -0.29 -11.67
C ARG A 207 6.60 -1.20 -11.94
N VAL A 208 5.93 -1.03 -13.07
CA VAL A 208 4.77 -1.88 -13.38
C VAL A 208 5.09 -3.12 -14.18
N ILE A 209 5.55 -2.93 -15.42
CA ILE A 209 5.88 -4.03 -16.30
C ILE A 209 6.72 -5.10 -15.61
N PRO A 210 7.87 -4.71 -15.02
CA PRO A 210 8.69 -5.72 -14.35
C PRO A 210 7.88 -6.66 -13.47
N GLU A 211 6.89 -6.12 -12.76
CA GLU A 211 6.04 -6.94 -11.92
C GLU A 211 5.14 -7.85 -12.75
N LEU A 212 4.52 -7.31 -13.79
CA LEU A 212 3.65 -8.11 -14.64
C LEU A 212 4.44 -9.25 -15.27
N LYS A 213 5.72 -9.02 -15.53
CA LYS A 213 6.54 -10.04 -16.16
C LYS A 213 7.00 -11.14 -15.21
N ARG A 214 6.61 -11.06 -13.95
CA ARG A 214 6.98 -12.11 -13.02
C ARG A 214 5.84 -13.12 -13.09
N ILE A 215 4.73 -12.66 -13.67
CA ILE A 215 3.57 -13.50 -13.84
C ILE A 215 3.71 -14.13 -15.21
N ASN A 216 3.99 -13.31 -16.21
CA ASN A 216 4.16 -13.77 -17.59
C ASN A 216 5.36 -13.05 -18.21
N GLU A 217 6.49 -13.76 -18.24
CA GLU A 217 7.74 -13.24 -18.79
C GLU A 217 7.65 -12.88 -20.25
N ASN A 218 6.69 -13.47 -20.95
CA ASN A 218 6.49 -13.18 -22.36
C ASN A 218 5.37 -12.18 -22.56
N LEU A 219 5.10 -11.40 -21.52
CA LEU A 219 4.06 -10.39 -21.54
C LEU A 219 4.01 -9.63 -22.86
N GLU A 220 5.16 -9.18 -23.33
CA GLU A 220 5.19 -8.45 -24.58
C GLU A 220 4.56 -9.26 -25.69
N ASP A 221 4.97 -10.51 -25.83
CA ASP A 221 4.47 -11.37 -26.89
C ASP A 221 2.97 -11.60 -26.74
N THR A 222 2.56 -11.87 -25.50
CA THR A 222 1.16 -12.08 -25.20
C THR A 222 0.38 -10.81 -25.53
N PHE A 223 0.96 -9.68 -25.14
CA PHE A 223 0.35 -8.40 -25.37
C PHE A 223 0.11 -8.12 -26.83
N LEU A 224 1.11 -8.39 -27.66
CA LEU A 224 0.98 -8.14 -29.09
C LEU A 224 -0.23 -8.84 -29.71
N LYS A 225 -0.49 -10.07 -29.27
CA LYS A 225 -1.61 -10.84 -29.78
C LYS A 225 -2.94 -10.14 -29.48
N MET A 226 -3.05 -9.52 -28.31
CA MET A 226 -4.28 -8.84 -27.97
C MET A 226 -4.51 -7.61 -28.85
N VAL A 227 -3.44 -6.84 -29.05
CA VAL A 227 -3.53 -5.63 -29.88
C VAL A 227 -4.07 -5.97 -31.26
N LYS A 228 -3.56 -7.07 -31.80
CA LYS A 228 -3.98 -7.50 -33.12
C LYS A 228 -5.48 -7.77 -33.18
N VAL A 229 -6.01 -8.44 -32.17
CA VAL A 229 -7.44 -8.73 -32.15
C VAL A 229 -8.23 -7.44 -31.99
N LEU A 230 -7.81 -6.61 -31.04
CA LEU A 230 -8.48 -5.36 -30.77
C LEU A 230 -8.46 -4.39 -31.95
N ARG A 231 -7.30 -4.17 -32.56
CA ARG A 231 -7.25 -3.27 -33.70
C ARG A 231 -8.34 -3.58 -34.72
N ALA A 232 -8.59 -4.86 -34.93
CA ALA A 232 -9.59 -5.32 -35.89
C ALA A 232 -10.99 -4.94 -35.45
N GLU A 233 -11.33 -5.28 -34.22
CA GLU A 233 -12.64 -4.95 -33.70
C GLU A 233 -12.87 -3.46 -33.60
N ARG A 234 -11.82 -2.70 -33.26
CA ARG A 234 -11.99 -1.26 -33.16
C ARG A 234 -12.21 -0.70 -34.54
N GLU A 235 -11.48 -1.23 -35.52
CA GLU A 235 -11.63 -0.76 -36.89
C GLU A 235 -13.04 -1.04 -37.40
N PHE A 236 -13.62 -2.15 -36.97
CA PHE A 236 -14.97 -2.53 -37.37
C PHE A 236 -15.97 -1.55 -36.78
N LEU A 237 -15.88 -1.34 -35.46
CA LEU A 237 -16.77 -0.42 -34.77
C LEU A 237 -16.71 0.97 -35.40
N GLU A 238 -15.52 1.40 -35.81
CA GLU A 238 -15.35 2.69 -36.45
C GLU A 238 -16.08 2.73 -37.80
N GLU A 239 -15.90 1.72 -38.62
CA GLU A 239 -16.55 1.66 -39.93
C GLU A 239 -18.05 1.87 -39.71
N GLU A 240 -18.64 1.04 -38.85
CA GLU A 240 -20.05 1.12 -38.54
C GLU A 240 -20.47 2.47 -37.99
N ALA A 241 -19.82 2.88 -36.91
CA ALA A 241 -20.11 4.15 -36.28
C ALA A 241 -20.08 5.25 -37.35
N GLN A 242 -19.03 5.23 -38.16
CA GLN A 242 -18.87 6.21 -39.21
C GLN A 242 -20.03 6.22 -40.18
N LYS A 243 -20.48 5.03 -40.61
CA LYS A 243 -21.61 4.95 -41.53
C LYS A 243 -22.85 5.54 -40.87
N LEU A 244 -23.22 4.94 -39.73
CA LEU A 244 -24.37 5.38 -38.96
C LEU A 244 -24.32 6.88 -38.72
N TYR A 245 -23.12 7.42 -38.59
CA TYR A 245 -22.95 8.85 -38.35
C TYR A 245 -23.52 9.61 -39.54
N LYS A 246 -22.94 9.39 -40.72
CA LYS A 246 -23.38 10.07 -41.94
C LYS A 246 -24.87 9.82 -42.22
N GLU A 247 -25.37 8.69 -41.74
CA GLU A 247 -26.76 8.32 -41.95
C GLU A 247 -27.76 9.13 -41.12
N VAL A 248 -27.41 9.35 -39.85
CA VAL A 248 -28.27 10.06 -38.92
C VAL A 248 -28.04 11.57 -38.81
N LYS A 249 -26.91 12.05 -39.35
CA LYS A 249 -26.62 13.47 -39.27
C LYS A 249 -27.20 14.27 -40.42
N LYS A 250 -27.92 15.33 -40.07
CA LYS A 250 -28.51 16.23 -41.04
C LYS A 250 -28.05 17.61 -40.62
N GLY A 251 -27.58 18.40 -41.58
CA GLY A 251 -27.11 19.72 -41.24
C GLY A 251 -26.18 19.61 -40.04
N ASN A 252 -26.57 20.26 -38.95
CA ASN A 252 -25.77 20.25 -37.73
C ASN A 252 -26.55 19.56 -36.63
N CYS A 253 -27.23 18.46 -36.97
CA CYS A 253 -28.02 17.71 -35.99
C CYS A 253 -28.05 16.22 -36.29
N LEU A 254 -28.60 15.47 -35.36
CA LEU A 254 -28.72 14.03 -35.46
C LEU A 254 -30.19 13.61 -35.39
N ASP A 255 -30.63 12.76 -36.31
CA ASP A 255 -32.00 12.29 -36.32
C ASP A 255 -32.14 11.29 -35.17
N VAL A 256 -32.61 11.77 -34.03
CA VAL A 256 -32.79 10.92 -32.87
C VAL A 256 -33.64 9.68 -33.19
N LYS A 257 -34.76 9.90 -33.87
CA LYS A 257 -35.64 8.80 -34.22
C LYS A 257 -34.85 7.66 -34.87
N LYS A 258 -33.87 8.02 -35.70
CA LYS A 258 -33.07 7.02 -36.39
C LYS A 258 -31.87 6.46 -35.64
N LEU A 259 -31.28 7.24 -34.73
CA LEU A 259 -30.12 6.78 -33.95
C LEU A 259 -30.61 6.04 -32.71
N LYS A 260 -31.64 6.59 -32.09
CA LYS A 260 -32.25 6.06 -30.87
C LYS A 260 -32.35 4.54 -30.73
N GLU A 261 -32.52 3.84 -31.83
CA GLU A 261 -32.67 2.39 -31.75
C GLU A 261 -31.55 1.52 -32.32
N LYS A 262 -30.50 2.14 -32.85
CA LYS A 262 -29.36 1.38 -33.36
C LYS A 262 -28.54 0.96 -32.13
N PRO A 263 -27.62 0.00 -32.29
CA PRO A 263 -26.79 -0.51 -31.19
C PRO A 263 -26.10 0.52 -30.30
N LEU A 264 -26.17 0.31 -28.98
CA LEU A 264 -25.55 1.21 -28.01
C LEU A 264 -24.13 1.58 -28.44
N ALA A 265 -23.29 0.57 -28.58
CA ALA A 265 -21.91 0.79 -28.98
C ALA A 265 -21.78 1.78 -30.11
N LEU A 266 -22.70 1.75 -31.07
CA LEU A 266 -22.63 2.67 -32.18
C LEU A 266 -23.22 4.02 -31.83
N GLN A 267 -24.19 4.03 -30.93
CA GLN A 267 -24.77 5.30 -30.54
C GLN A 267 -23.69 6.11 -29.84
N ARG A 268 -22.91 5.46 -28.99
CA ARG A 268 -21.82 6.10 -28.27
C ARG A 268 -20.72 6.59 -29.19
N ARG A 269 -20.39 5.82 -30.21
CA ARG A 269 -19.32 6.24 -31.09
C ARG A 269 -19.78 7.37 -31.98
N VAL A 270 -21.07 7.38 -32.32
CA VAL A 270 -21.64 8.43 -33.15
C VAL A 270 -21.75 9.74 -32.36
N ILE A 271 -22.21 9.64 -31.11
CA ILE A 271 -22.30 10.83 -30.26
C ILE A 271 -20.89 11.41 -30.23
N ARG A 272 -19.91 10.59 -29.83
CA ARG A 272 -18.51 11.01 -29.77
C ARG A 272 -18.14 11.88 -30.97
N LYS A 273 -18.36 11.32 -32.16
CA LYS A 273 -18.07 11.99 -33.42
C LYS A 273 -18.70 13.38 -33.46
N PHE A 274 -20.03 13.40 -33.38
CA PHE A 274 -20.82 14.63 -33.41
C PHE A 274 -20.40 15.61 -32.32
N ILE A 275 -20.48 15.11 -31.09
CA ILE A 275 -20.16 15.84 -29.89
C ILE A 275 -18.76 16.49 -29.89
N GLY A 276 -17.80 15.82 -30.54
CA GLY A 276 -16.45 16.34 -30.58
C GLY A 276 -15.74 16.12 -29.25
N GLU A 277 -16.18 15.11 -28.52
CA GLU A 277 -15.61 14.77 -27.22
C GLU A 277 -15.64 13.25 -27.05
N LYS A 278 -14.69 12.71 -26.29
CA LYS A 278 -14.62 11.26 -26.10
C LYS A 278 -14.93 10.80 -24.70
N ASP A 279 -15.06 11.74 -23.77
CA ASP A 279 -15.35 11.39 -22.39
C ASP A 279 -16.66 10.63 -22.24
N TYR A 280 -16.60 9.50 -21.55
CA TYR A 280 -17.78 8.66 -21.32
C TYR A 280 -18.99 9.46 -20.83
N GLU A 281 -18.81 10.22 -19.76
CA GLU A 281 -19.88 11.02 -19.19
C GLU A 281 -20.51 12.01 -20.16
N LYS A 282 -19.68 12.79 -20.85
CA LYS A 282 -20.20 13.75 -21.82
C LYS A 282 -21.10 12.98 -22.79
N VAL A 283 -20.54 11.90 -23.33
CA VAL A 283 -21.21 11.03 -24.29
C VAL A 283 -22.54 10.47 -23.79
N GLU A 284 -22.54 9.84 -22.63
CA GLU A 284 -23.78 9.28 -22.09
C GLU A 284 -24.76 10.42 -21.86
N LEU A 285 -24.24 11.54 -21.38
CA LEU A 285 -25.04 12.73 -21.12
C LEU A 285 -25.85 13.09 -22.36
N VAL A 286 -25.20 13.06 -23.52
CA VAL A 286 -25.89 13.39 -24.76
C VAL A 286 -26.81 12.28 -25.22
N ARG A 287 -26.39 11.03 -25.03
CA ARG A 287 -27.18 9.89 -25.44
C ARG A 287 -28.55 9.93 -24.75
N SER A 288 -28.56 10.40 -23.51
CA SER A 288 -29.79 10.48 -22.73
C SER A 288 -30.90 11.21 -23.47
N LEU A 289 -30.52 12.11 -24.37
CA LEU A 289 -31.51 12.89 -25.12
C LEU A 289 -32.15 12.13 -26.28
N LEU A 290 -31.67 10.93 -26.57
CA LEU A 290 -32.23 10.14 -27.67
C LEU A 290 -33.64 9.66 -27.34
N GLU A 291 -33.91 9.50 -26.05
CA GLU A 291 -35.23 9.06 -25.60
C GLU A 291 -35.86 10.19 -24.77
N LYS A 292 -35.04 10.83 -23.93
CA LYS A 292 -35.46 11.92 -23.08
C LYS A 292 -35.21 13.27 -23.73
N GLY A 293 -36.22 13.82 -24.42
CA GLY A 293 -36.06 15.12 -25.06
C GLY A 293 -35.64 16.17 -24.04
N GLY A 294 -34.95 17.22 -24.49
CA GLY A 294 -34.51 18.25 -23.55
C GLY A 294 -33.27 19.01 -23.97
N GLU A 295 -32.47 19.42 -22.99
CA GLU A 295 -31.25 20.18 -23.27
C GLU A 295 -30.11 19.67 -22.39
N VAL A 296 -28.87 19.93 -22.82
CA VAL A 296 -27.66 19.50 -22.09
C VAL A 296 -26.43 20.35 -22.38
N ASN A 297 -25.63 20.63 -21.36
CA ASN A 297 -24.42 21.44 -21.53
C ASN A 297 -23.17 20.62 -21.25
N LEU A 298 -22.18 20.74 -22.12
CA LEU A 298 -20.95 19.99 -21.96
C LEU A 298 -19.84 20.83 -21.36
N GLY A 299 -18.95 21.38 -22.18
CA GLY A 299 -17.87 22.19 -21.65
C GLY A 299 -17.83 23.62 -22.16
N LYS A 300 -17.01 23.84 -23.18
CA LYS A 300 -16.87 25.15 -23.78
C LYS A 300 -18.15 25.69 -24.41
N GLY A 301 -19.04 26.21 -23.56
CA GLY A 301 -20.29 26.77 -24.04
C GLY A 301 -21.09 25.96 -25.04
N LYS A 302 -20.71 24.70 -25.27
CA LYS A 302 -21.45 23.87 -26.21
C LYS A 302 -22.58 23.12 -25.52
N VAL A 303 -23.80 23.47 -25.88
CA VAL A 303 -24.98 22.86 -25.30
C VAL A 303 -25.82 22.24 -26.41
N LEU A 304 -26.32 21.03 -26.16
CA LEU A 304 -27.14 20.31 -27.13
C LEU A 304 -28.58 20.25 -26.66
N LYS A 305 -29.51 20.43 -27.59
CA LYS A 305 -30.93 20.39 -27.26
C LYS A 305 -31.65 19.52 -28.25
N ARG A 306 -32.65 18.78 -27.79
CA ARG A 306 -33.42 17.93 -28.68
C ARG A 306 -34.71 18.62 -29.08
N LYS A 307 -34.86 18.88 -30.37
CA LYS A 307 -36.04 19.54 -30.88
C LYS A 307 -36.80 18.54 -31.74
N GLU A 308 -37.85 17.94 -31.18
CA GLU A 308 -38.65 16.96 -31.90
C GLU A 308 -37.81 15.70 -32.13
N ARG A 309 -37.65 15.33 -33.39
CA ARG A 309 -36.87 14.15 -33.76
C ARG A 309 -35.42 14.56 -33.96
N TRP A 310 -35.10 15.82 -33.62
CA TRP A 310 -33.74 16.30 -33.81
C TRP A 310 -32.94 16.53 -32.54
N LEU A 311 -31.63 16.61 -32.71
CA LEU A 311 -30.71 16.86 -31.62
C LEU A 311 -29.64 17.78 -32.19
N CYS A 312 -29.58 19.01 -31.70
CA CYS A 312 -28.60 19.96 -32.23
C CYS A 312 -27.86 20.75 -31.17
N PHE A 313 -26.94 21.59 -31.63
CA PHE A 313 -26.17 22.44 -30.75
C PHE A 313 -26.93 23.74 -30.67
N SER A 314 -27.10 24.28 -29.47
CA SER A 314 -27.79 25.55 -29.32
C SER A 314 -26.82 26.62 -29.79
N PRO A 315 -27.30 27.60 -30.55
CA PRO A 315 -26.49 28.70 -31.08
C PRO A 315 -26.17 29.83 -30.12
N GLU A 316 -26.82 29.85 -28.96
CA GLU A 316 -26.59 30.91 -27.98
C GLU A 316 -25.12 30.99 -27.55
N VAL A 317 -24.71 32.20 -27.15
CA VAL A 317 -23.35 32.48 -26.72
C VAL A 317 -22.42 32.42 -27.94
N MET B 1 -25.22 10.26 3.18
CA MET B 1 -24.43 9.39 2.24
C MET B 1 -23.29 8.73 3.01
N ASN B 2 -23.55 7.54 3.52
CA ASN B 2 -22.56 6.79 4.30
C ASN B 2 -22.06 5.52 3.61
N PRO B 3 -21.11 4.82 4.24
CA PRO B 3 -20.57 3.59 3.64
C PRO B 3 -21.63 2.56 3.26
N GLU B 4 -22.82 2.66 3.85
CA GLU B 4 -23.89 1.72 3.56
C GLU B 4 -24.69 2.10 2.32
N SER B 5 -25.18 3.33 2.28
CA SER B 5 -25.99 3.75 1.14
C SER B 5 -25.12 3.85 -0.09
N ARG B 6 -23.87 4.23 0.13
CA ARG B 6 -22.92 4.36 -0.97
C ARG B 6 -22.92 3.00 -1.72
N VAL B 7 -22.90 1.90 -0.97
CA VAL B 7 -22.91 0.56 -1.53
C VAL B 7 -24.29 0.15 -2.04
N ILE B 8 -25.30 0.27 -1.17
CA ILE B 8 -26.68 -0.06 -1.55
C ILE B 8 -26.98 0.67 -2.84
N ARG B 9 -26.52 1.90 -2.93
CA ARG B 9 -26.75 2.68 -4.13
C ARG B 9 -26.20 1.97 -5.36
N LYS B 10 -24.95 1.55 -5.27
CA LYS B 10 -24.30 0.86 -6.38
C LYS B 10 -24.98 -0.48 -6.67
N VAL B 11 -25.46 -1.15 -5.63
CA VAL B 11 -26.12 -2.43 -5.84
C VAL B 11 -27.47 -2.25 -6.55
N LEU B 12 -28.21 -1.21 -6.20
CA LEU B 12 -29.51 -0.93 -6.83
C LEU B 12 -29.28 -0.44 -8.26
N ALA B 13 -28.16 0.24 -8.47
CA ALA B 13 -27.79 0.75 -9.78
C ALA B 13 -27.58 -0.46 -10.66
N LEU B 14 -26.91 -1.46 -10.10
CA LEU B 14 -26.66 -2.69 -10.82
C LEU B 14 -28.00 -3.33 -11.17
N GLN B 15 -28.90 -3.38 -10.18
CA GLN B 15 -30.20 -3.97 -10.39
C GLN B 15 -30.94 -3.34 -11.55
N ASN B 16 -31.08 -2.02 -11.50
CA ASN B 16 -31.78 -1.30 -12.55
C ASN B 16 -31.14 -1.53 -13.91
N ASP B 17 -29.81 -1.48 -13.93
CA ASP B 17 -29.01 -1.65 -15.14
C ASP B 17 -28.92 -3.06 -15.72
N GLU B 18 -28.81 -4.04 -14.84
CA GLU B 18 -28.65 -5.42 -15.28
C GLU B 18 -29.78 -6.39 -14.98
N LYS B 19 -30.76 -5.99 -14.18
CA LYS B 19 -31.85 -6.91 -13.84
C LYS B 19 -31.21 -8.10 -13.13
N ILE B 20 -30.38 -7.80 -12.13
CA ILE B 20 -29.69 -8.83 -11.36
C ILE B 20 -30.63 -9.88 -10.84
N PHE B 21 -31.74 -9.43 -10.27
CA PHE B 21 -32.75 -10.33 -9.77
C PHE B 21 -34.02 -9.94 -10.50
N SER B 22 -34.69 -10.93 -11.08
CA SER B 22 -35.89 -10.65 -11.84
C SER B 22 -36.81 -11.85 -11.89
N GLY B 23 -37.12 -12.40 -10.72
CA GLY B 23 -38.00 -13.54 -10.69
C GLY B 23 -37.48 -14.63 -9.80
N GLU B 24 -36.17 -14.62 -9.57
CA GLU B 24 -35.55 -15.63 -8.72
C GLU B 24 -36.09 -15.51 -7.31
N ARG B 25 -36.40 -16.64 -6.70
CA ARG B 25 -36.93 -16.66 -5.35
C ARG B 25 -35.89 -17.06 -4.30
N ARG B 26 -35.07 -18.04 -4.61
CA ARG B 26 -34.04 -18.50 -3.69
C ARG B 26 -32.62 -18.18 -4.15
N VAL B 27 -31.88 -17.48 -3.31
CA VAL B 27 -30.52 -17.11 -3.62
C VAL B 27 -29.53 -17.80 -2.71
N LEU B 28 -28.64 -18.59 -3.31
CA LEU B 28 -27.62 -19.25 -2.53
C LEU B 28 -26.38 -18.36 -2.65
N ILE B 29 -25.80 -18.00 -1.52
CA ILE B 29 -24.60 -17.18 -1.54
C ILE B 29 -23.37 -18.06 -1.35
N ALA B 30 -22.37 -17.85 -2.20
CA ALA B 30 -21.07 -18.57 -2.11
C ALA B 30 -20.38 -17.90 -0.95
N PHE B 31 -20.55 -18.43 0.25
CA PHE B 31 -20.00 -17.82 1.44
C PHE B 31 -18.58 -18.22 1.89
N SER B 32 -17.59 -17.41 1.53
CA SER B 32 -16.20 -17.67 1.92
C SER B 32 -16.01 -17.39 3.39
N GLY B 33 -16.60 -16.31 3.86
CA GLY B 33 -16.46 -15.91 5.25
C GLY B 33 -15.72 -14.58 5.30
N GLY B 34 -15.05 -14.25 4.20
CA GLY B 34 -14.29 -13.01 4.13
C GLY B 34 -15.16 -11.78 4.02
N VAL B 35 -14.55 -10.61 4.14
CA VAL B 35 -15.30 -9.36 4.06
C VAL B 35 -16.32 -9.34 2.94
N ASP B 36 -15.83 -9.45 1.71
CA ASP B 36 -16.68 -9.43 0.55
C ASP B 36 -17.95 -10.22 0.75
N SER B 37 -17.82 -11.53 0.98
CA SER B 37 -19.00 -12.38 1.12
C SER B 37 -19.89 -11.92 2.27
N VAL B 38 -19.27 -11.36 3.30
CA VAL B 38 -20.00 -10.88 4.45
C VAL B 38 -20.80 -9.65 4.09
N VAL B 39 -20.14 -8.68 3.47
CA VAL B 39 -20.83 -7.46 3.07
C VAL B 39 -21.92 -7.80 2.07
N LEU B 40 -21.62 -8.73 1.19
CA LEU B 40 -22.58 -9.14 0.20
C LEU B 40 -23.82 -9.69 0.89
N THR B 41 -23.58 -10.65 1.79
CA THR B 41 -24.67 -11.29 2.52
C THR B 41 -25.52 -10.27 3.27
N ASP B 42 -24.89 -9.22 3.76
CA ASP B 42 -25.60 -8.19 4.48
C ASP B 42 -26.48 -7.41 3.51
N VAL B 43 -25.96 -7.13 2.32
CA VAL B 43 -26.73 -6.39 1.33
C VAL B 43 -27.93 -7.15 0.80
N LEU B 44 -27.79 -8.44 0.54
CA LEU B 44 -28.89 -9.24 0.01
C LEU B 44 -29.97 -9.42 1.06
N LEU B 45 -29.58 -9.55 2.31
CA LEU B 45 -30.57 -9.72 3.35
C LEU B 45 -31.38 -8.43 3.43
N LYS B 46 -30.71 -7.29 3.34
CA LYS B 46 -31.40 -6.00 3.41
C LYS B 46 -32.28 -5.74 2.18
N LEU B 47 -31.79 -6.07 1.01
CA LEU B 47 -32.56 -5.85 -0.21
C LEU B 47 -33.42 -7.05 -0.56
N LYS B 48 -33.48 -8.03 0.34
CA LYS B 48 -34.25 -9.24 0.08
C LYS B 48 -35.65 -9.00 -0.46
N ASN B 49 -36.44 -8.17 0.21
CA ASN B 49 -37.79 -7.91 -0.27
C ASN B 49 -37.77 -7.05 -1.51
N TYR B 50 -36.90 -6.07 -1.56
CA TYR B 50 -36.84 -5.22 -2.74
C TYR B 50 -36.69 -6.10 -3.97
N PHE B 51 -35.95 -7.19 -3.84
CA PHE B 51 -35.74 -8.08 -4.96
C PHE B 51 -36.82 -9.15 -5.13
N SER B 52 -37.78 -9.18 -4.21
CA SER B 52 -38.88 -10.14 -4.26
C SER B 52 -38.28 -11.54 -4.08
N LEU B 53 -37.35 -11.66 -3.14
CA LEU B 53 -36.68 -12.92 -2.85
C LEU B 53 -37.34 -13.65 -1.70
N LYS B 54 -37.65 -14.92 -1.89
CA LYS B 54 -38.28 -15.68 -0.83
C LYS B 54 -37.24 -16.14 0.17
N GLU B 55 -36.05 -16.48 -0.32
CA GLU B 55 -35.01 -16.98 0.56
C GLU B 55 -33.55 -16.66 0.16
N VAL B 56 -32.69 -16.56 1.18
CA VAL B 56 -31.27 -16.29 0.99
C VAL B 56 -30.52 -17.24 1.90
N ALA B 57 -29.69 -18.08 1.33
CA ALA B 57 -28.92 -19.02 2.13
C ALA B 57 -27.45 -18.97 1.75
N LEU B 58 -26.62 -19.50 2.64
CA LEU B 58 -25.19 -19.50 2.43
C LEU B 58 -24.65 -20.89 2.18
N ALA B 59 -23.63 -20.94 1.36
CA ALA B 59 -22.96 -22.19 1.02
C ALA B 59 -21.48 -21.94 1.20
N HIS B 60 -20.90 -22.60 2.20
CA HIS B 60 -19.48 -22.45 2.46
C HIS B 60 -18.72 -23.71 2.13
N PHE B 61 -17.69 -23.57 1.30
CA PHE B 61 -16.88 -24.71 0.92
C PHE B 61 -15.55 -24.72 1.68
N ASN B 62 -15.35 -25.74 2.50
CA ASN B 62 -14.12 -25.88 3.25
C ASN B 62 -13.05 -26.59 2.42
N HIS B 63 -12.05 -25.83 1.95
CA HIS B 63 -10.97 -26.37 1.13
C HIS B 63 -10.00 -27.29 1.88
N MET B 64 -10.03 -27.26 3.21
CA MET B 64 -9.14 -28.09 4.01
C MET B 64 -7.68 -27.68 3.79
N LEU B 65 -7.48 -26.48 3.28
CA LEU B 65 -6.13 -25.97 3.03
C LEU B 65 -5.64 -25.25 4.28
N ARG B 66 -6.02 -23.99 4.43
CA ARG B 66 -5.62 -23.17 5.58
C ARG B 66 -5.74 -24.00 6.86
N GLU B 67 -4.86 -23.76 7.82
CA GLU B 67 -4.92 -24.53 9.05
C GLU B 67 -6.07 -23.95 9.88
N SER B 68 -6.67 -22.88 9.37
CA SER B 68 -7.79 -22.23 10.05
C SER B 68 -9.13 -22.66 9.43
N ALA B 69 -9.04 -23.40 8.33
CA ALA B 69 -10.21 -23.88 7.62
C ALA B 69 -11.31 -24.37 8.56
N GLU B 70 -10.93 -25.13 9.58
CA GLU B 70 -11.91 -25.64 10.54
C GLU B 70 -12.61 -24.58 11.35
N ARG B 71 -11.87 -23.59 11.81
CA ARG B 71 -12.44 -22.52 12.60
C ARG B 71 -13.28 -21.59 11.72
N ASP B 72 -12.76 -21.26 10.54
CA ASP B 72 -13.49 -20.39 9.62
C ASP B 72 -14.87 -20.96 9.31
N GLU B 73 -14.92 -22.27 9.10
CA GLU B 73 -16.17 -22.96 8.81
C GLU B 73 -17.14 -22.71 9.95
N GLU B 74 -16.66 -22.95 11.16
CA GLU B 74 -17.48 -22.75 12.34
C GLU B 74 -17.98 -21.32 12.38
N PHE B 75 -17.12 -20.38 12.00
CA PHE B 75 -17.50 -18.98 11.99
C PHE B 75 -18.62 -18.74 10.98
N CYS B 76 -18.55 -19.45 9.86
CA CYS B 76 -19.57 -19.31 8.84
C CYS B 76 -20.87 -19.86 9.34
N LYS B 77 -20.81 -21.02 9.99
CA LYS B 77 -22.02 -21.63 10.51
C LYS B 77 -22.67 -20.66 11.49
N GLU B 78 -21.85 -20.10 12.37
CA GLU B 78 -22.33 -19.15 13.36
C GLU B 78 -22.85 -17.90 12.69
N PHE B 79 -22.18 -17.46 11.65
CA PHE B 79 -22.62 -16.29 10.91
C PHE B 79 -24.02 -16.58 10.36
N ALA B 80 -24.22 -17.83 9.94
CA ALA B 80 -25.49 -18.25 9.37
C ALA B 80 -26.56 -18.29 10.44
N LYS B 81 -26.29 -19.00 11.53
CA LYS B 81 -27.24 -19.10 12.62
C LYS B 81 -27.61 -17.69 13.08
N GLU B 82 -26.61 -16.82 13.16
CA GLU B 82 -26.81 -15.44 13.59
C GLU B 82 -27.93 -14.77 12.81
N ARG B 83 -27.79 -14.75 11.50
CA ARG B 83 -28.78 -14.12 10.64
C ARG B 83 -29.91 -15.08 10.29
N ASN B 84 -29.96 -16.17 11.03
CA ASN B 84 -30.97 -17.18 10.80
C ASN B 84 -31.05 -17.57 9.33
N MET B 85 -29.92 -17.96 8.76
CA MET B 85 -29.89 -18.37 7.36
C MET B 85 -29.58 -19.83 7.32
N LYS B 86 -30.06 -20.45 6.25
CA LYS B 86 -29.82 -21.86 5.98
C LYS B 86 -28.33 -21.85 5.60
N ILE B 87 -27.57 -22.85 6.06
CA ILE B 87 -26.15 -22.91 5.68
C ILE B 87 -25.80 -24.33 5.26
N PHE B 88 -25.21 -24.45 4.07
CA PHE B 88 -24.81 -25.75 3.59
C PHE B 88 -23.30 -25.70 3.49
N VAL B 89 -22.65 -26.68 4.09
CA VAL B 89 -21.21 -26.69 4.03
C VAL B 89 -20.68 -27.97 3.37
N GLY B 90 -19.70 -27.79 2.49
CA GLY B 90 -19.11 -28.91 1.81
C GLY B 90 -17.63 -28.95 2.14
N LYS B 91 -17.08 -30.15 2.23
CA LYS B 91 -15.68 -30.29 2.53
C LYS B 91 -15.08 -31.34 1.61
N GLU B 92 -13.87 -31.06 1.12
CA GLU B 92 -13.19 -31.98 0.24
C GLU B 92 -11.70 -31.67 0.26
N ASP B 93 -10.88 -32.72 0.21
CA ASP B 93 -9.45 -32.56 0.21
C ASP B 93 -9.04 -31.84 -1.09
N VAL B 94 -9.07 -30.52 -1.09
CA VAL B 94 -8.68 -29.78 -2.28
C VAL B 94 -7.27 -30.25 -2.64
N ARG B 95 -6.51 -30.56 -1.60
CA ARG B 95 -5.13 -31.00 -1.76
C ARG B 95 -5.07 -32.25 -2.63
N ALA B 96 -5.52 -33.38 -2.07
CA ALA B 96 -5.51 -34.62 -2.80
C ALA B 96 -6.05 -34.39 -4.21
N PHE B 97 -7.34 -34.05 -4.28
CA PHE B 97 -8.02 -33.81 -5.54
C PHE B 97 -7.15 -33.13 -6.61
N ALA B 98 -6.44 -32.08 -6.22
CA ALA B 98 -5.60 -31.36 -7.15
C ALA B 98 -4.57 -32.32 -7.75
N LYS B 99 -3.95 -33.12 -6.89
CA LYS B 99 -2.95 -34.09 -7.31
C LYS B 99 -3.56 -35.10 -8.27
N GLU B 100 -4.34 -36.01 -7.70
CA GLU B 100 -5.00 -37.07 -8.44
C GLU B 100 -5.69 -36.61 -9.71
N ASN B 101 -5.92 -35.31 -9.84
CA ASN B 101 -6.59 -34.79 -11.02
C ASN B 101 -5.72 -33.81 -11.78
N ARG B 102 -4.42 -33.87 -11.50
CA ARG B 102 -3.46 -33.00 -12.17
C ARG B 102 -4.03 -31.63 -12.31
N MET B 103 -4.61 -31.15 -11.26
CA MET B 103 -5.11 -29.81 -11.34
C MET B 103 -4.33 -29.03 -10.30
N SER B 104 -4.34 -27.72 -10.47
CA SER B 104 -3.67 -26.82 -9.53
C SER B 104 -4.66 -26.62 -8.39
N LEU B 105 -4.16 -26.36 -7.21
CA LEU B 105 -5.02 -26.15 -6.06
C LEU B 105 -6.10 -25.12 -6.30
N GLU B 106 -5.77 -24.09 -7.06
CA GLU B 106 -6.74 -23.04 -7.32
C GLU B 106 -7.92 -23.53 -8.15
N GLU B 107 -7.66 -23.99 -9.37
CA GLU B 107 -8.75 -24.46 -10.22
C GLU B 107 -9.48 -25.62 -9.55
N ALA B 108 -8.73 -26.43 -8.80
CA ALA B 108 -9.32 -27.58 -8.13
C ALA B 108 -10.29 -27.13 -7.05
N GLY B 109 -9.88 -26.12 -6.30
CA GLY B 109 -10.75 -25.61 -5.25
C GLY B 109 -11.95 -24.95 -5.90
N ARG B 110 -11.71 -24.30 -7.04
CA ARG B 110 -12.77 -23.64 -7.80
C ARG B 110 -13.77 -24.71 -8.20
N PHE B 111 -13.26 -25.75 -8.83
CA PHE B 111 -14.08 -26.85 -9.30
C PHE B 111 -14.90 -27.48 -8.18
N LEU B 112 -14.22 -27.96 -7.15
CA LEU B 112 -14.91 -28.61 -6.06
C LEU B 112 -15.93 -27.72 -5.36
N ARG B 113 -15.60 -26.43 -5.21
CA ARG B 113 -16.49 -25.48 -4.55
C ARG B 113 -17.74 -25.23 -5.36
N TYR B 114 -17.54 -24.89 -6.63
CA TYR B 114 -18.65 -24.63 -7.53
C TYR B 114 -19.47 -25.90 -7.69
N LYS B 115 -18.80 -27.05 -7.65
CA LYS B 115 -19.51 -28.31 -7.78
C LYS B 115 -20.41 -28.46 -6.56
N PHE B 116 -19.89 -28.07 -5.41
CA PHE B 116 -20.64 -28.14 -4.17
C PHE B 116 -21.83 -27.20 -4.25
N LEU B 117 -21.58 -25.98 -4.72
CA LEU B 117 -22.63 -24.98 -4.82
C LEU B 117 -23.77 -25.45 -5.69
N LYS B 118 -23.44 -26.05 -6.83
CA LYS B 118 -24.47 -26.57 -7.72
C LYS B 118 -25.18 -27.72 -7.03
N GLU B 119 -24.42 -28.59 -6.36
CA GLU B 119 -25.01 -29.70 -5.66
C GLU B 119 -26.11 -29.18 -4.72
N ILE B 120 -25.85 -28.07 -4.06
CA ILE B 120 -26.81 -27.52 -3.13
C ILE B 120 -27.88 -26.78 -3.89
N LEU B 121 -27.48 -25.98 -4.87
CA LEU B 121 -28.46 -25.24 -5.62
C LEU B 121 -29.52 -26.17 -6.19
N GLU B 122 -29.04 -27.21 -6.86
CA GLU B 122 -29.89 -28.21 -7.49
C GLU B 122 -30.68 -29.07 -6.48
N SER B 123 -30.00 -29.62 -5.48
CA SER B 123 -30.69 -30.48 -4.51
C SER B 123 -31.53 -29.80 -3.44
N GLU B 124 -31.29 -28.54 -3.20
CA GLU B 124 -32.04 -27.88 -2.16
C GLU B 124 -33.09 -26.94 -2.72
N GLY B 125 -33.05 -26.71 -4.03
CA GLY B 125 -34.06 -25.88 -4.63
C GLY B 125 -33.87 -24.38 -4.62
N PHE B 126 -32.64 -23.92 -4.80
CA PHE B 126 -32.41 -22.47 -4.87
C PHE B 126 -32.31 -22.13 -6.37
N ASP B 127 -32.64 -20.91 -6.74
CA ASP B 127 -32.64 -20.53 -8.15
C ASP B 127 -31.36 -19.96 -8.70
N CYS B 128 -30.46 -19.54 -7.82
CA CYS B 128 -29.21 -18.98 -8.30
C CYS B 128 -28.21 -18.80 -7.19
N ILE B 129 -26.97 -18.50 -7.60
CA ILE B 129 -25.85 -18.31 -6.69
C ILE B 129 -25.38 -16.88 -6.72
N ALA B 130 -25.19 -16.29 -5.54
CA ALA B 130 -24.71 -14.94 -5.49
C ALA B 130 -23.25 -15.00 -5.08
N THR B 131 -22.45 -14.16 -5.69
CA THR B 131 -21.05 -14.14 -5.39
C THR B 131 -20.58 -12.76 -5.03
N ALA B 132 -19.67 -12.68 -4.08
CA ALA B 132 -19.15 -11.41 -3.61
C ALA B 132 -18.15 -10.75 -4.52
N HIS B 133 -17.98 -11.24 -5.74
CA HIS B 133 -17.01 -10.60 -6.64
C HIS B 133 -17.33 -9.11 -6.72
N HIS B 134 -16.31 -8.27 -6.65
CA HIS B 134 -16.50 -6.83 -6.71
C HIS B 134 -15.66 -6.14 -7.78
N LEU B 135 -15.88 -4.83 -7.93
CA LEU B 135 -15.16 -4.06 -8.92
C LEU B 135 -13.63 -4.19 -8.86
N ASN B 136 -13.07 -4.44 -7.69
CA ASN B 136 -11.62 -4.57 -7.66
C ASN B 136 -11.20 -5.92 -8.19
N ASP B 137 -11.98 -6.95 -7.89
CA ASP B 137 -11.70 -8.28 -8.42
C ASP B 137 -11.77 -8.09 -9.93
N LEU B 138 -12.84 -7.43 -10.37
CA LEU B 138 -13.00 -7.19 -11.78
C LEU B 138 -11.73 -6.52 -12.33
N LEU B 139 -11.26 -5.46 -11.65
CA LEU B 139 -10.05 -4.76 -12.08
C LEU B 139 -8.85 -5.71 -12.11
N GLU B 140 -8.70 -6.49 -11.05
CA GLU B 140 -7.60 -7.44 -10.95
C GLU B 140 -7.69 -8.53 -12.02
N THR B 141 -8.88 -9.05 -12.24
CA THR B 141 -9.09 -10.10 -13.23
C THR B 141 -8.70 -9.57 -14.59
N SER B 142 -9.22 -8.41 -14.92
CA SER B 142 -8.93 -7.80 -16.19
C SER B 142 -7.44 -7.55 -16.38
N LEU B 143 -6.73 -7.14 -15.33
CA LEU B 143 -5.30 -6.89 -15.46
C LEU B 143 -4.56 -8.23 -15.57
N LEU B 144 -5.12 -9.26 -14.94
CA LEU B 144 -4.50 -10.57 -15.01
C LEU B 144 -4.67 -11.08 -16.44
N PHE B 145 -5.83 -10.86 -17.05
CA PHE B 145 -6.04 -11.29 -18.41
C PHE B 145 -5.17 -10.47 -19.35
N PHE B 146 -5.06 -9.18 -19.09
CA PHE B 146 -4.24 -8.31 -19.91
C PHE B 146 -2.81 -8.87 -19.88
N THR B 147 -2.42 -9.37 -18.72
CA THR B 147 -1.10 -9.94 -18.53
C THR B 147 -0.91 -11.33 -19.14
N ARG B 148 -1.83 -12.26 -18.85
CA ARG B 148 -1.70 -13.62 -19.38
C ARG B 148 -1.99 -13.70 -20.87
N GLY B 149 -2.79 -12.78 -21.36
CA GLY B 149 -3.14 -12.79 -22.78
C GLY B 149 -4.64 -12.84 -22.94
N THR B 150 -5.22 -11.91 -23.70
CA THR B 150 -6.66 -11.92 -23.82
C THR B 150 -7.24 -11.04 -24.94
N GLY B 151 -8.57 -11.02 -24.97
CA GLY B 151 -9.34 -10.22 -25.91
C GLY B 151 -10.35 -9.49 -25.05
N LEU B 152 -11.44 -8.99 -25.63
CA LEU B 152 -12.47 -8.30 -24.85
C LEU B 152 -12.91 -9.09 -23.64
N ASP B 153 -13.33 -10.32 -23.88
CA ASP B 153 -13.79 -11.21 -22.82
C ASP B 153 -12.92 -11.16 -21.57
N GLY B 154 -11.60 -11.18 -21.75
CA GLY B 154 -10.75 -11.15 -20.58
C GLY B 154 -10.76 -9.77 -19.94
N LEU B 155 -10.67 -8.75 -20.80
CA LEU B 155 -10.67 -7.37 -20.38
C LEU B 155 -11.98 -7.02 -19.66
N ILE B 156 -13.10 -7.51 -20.19
CA ILE B 156 -14.40 -7.25 -19.58
C ILE B 156 -14.46 -8.02 -18.26
N GLY B 157 -13.80 -9.16 -18.25
CA GLY B 157 -13.78 -9.98 -17.05
C GLY B 157 -15.16 -10.58 -16.82
N PHE B 158 -15.47 -10.89 -15.57
CA PHE B 158 -16.75 -11.46 -15.29
C PHE B 158 -17.88 -10.45 -15.43
N LEU B 159 -19.10 -10.98 -15.50
CA LEU B 159 -20.29 -10.17 -15.66
C LEU B 159 -21.09 -10.16 -14.40
N PRO B 160 -21.98 -9.16 -14.25
CA PRO B 160 -22.82 -9.09 -13.06
C PRO B 160 -23.83 -10.24 -12.97
N LYS B 161 -24.15 -10.83 -14.12
CA LYS B 161 -25.09 -11.94 -14.21
C LYS B 161 -24.68 -12.88 -15.33
N GLU B 162 -24.51 -14.16 -15.02
CA GLU B 162 -24.12 -15.18 -15.99
C GLU B 162 -24.65 -16.51 -15.50
N GLU B 163 -25.42 -17.18 -16.35
CA GLU B 163 -26.00 -18.46 -16.00
C GLU B 163 -26.68 -18.35 -14.64
N VAL B 164 -26.27 -19.18 -13.68
CA VAL B 164 -26.90 -19.11 -12.36
C VAL B 164 -26.08 -18.31 -11.34
N ILE B 165 -25.23 -17.41 -11.82
CA ILE B 165 -24.41 -16.61 -10.94
C ILE B 165 -24.79 -15.13 -10.97
N ARG B 166 -24.81 -14.52 -9.80
CA ARG B 166 -25.16 -13.10 -9.67
C ARG B 166 -24.06 -12.46 -8.81
N ARG B 167 -23.59 -11.29 -9.23
CA ARG B 167 -22.54 -10.58 -8.50
C ARG B 167 -23.05 -9.18 -8.15
N PRO B 168 -23.91 -9.08 -7.13
CA PRO B 168 -24.47 -7.79 -6.71
C PRO B 168 -23.47 -6.66 -6.42
N LEU B 169 -22.28 -6.99 -5.91
CA LEU B 169 -21.28 -5.98 -5.58
C LEU B 169 -20.44 -5.56 -6.78
N TYR B 170 -20.79 -6.03 -7.96
CA TYR B 170 -20.06 -5.71 -9.19
C TYR B 170 -19.47 -4.29 -9.25
N TYR B 171 -20.32 -3.29 -8.99
CA TYR B 171 -19.92 -1.86 -9.05
C TYR B 171 -19.13 -1.39 -7.85
N VAL B 172 -19.21 -2.15 -6.76
CA VAL B 172 -18.55 -1.80 -5.52
C VAL B 172 -17.04 -2.08 -5.51
N LYS B 173 -16.27 -1.10 -5.04
CA LYS B 173 -14.83 -1.28 -4.97
C LYS B 173 -14.48 -1.82 -3.60
N ARG B 174 -13.40 -2.60 -3.53
CA ARG B 174 -12.97 -3.21 -2.28
C ARG B 174 -13.02 -2.21 -1.13
N SER B 175 -12.45 -1.02 -1.32
CA SER B 175 -12.42 0.01 -0.28
C SER B 175 -13.83 0.33 0.26
N GLU B 176 -14.84 0.36 -0.62
CA GLU B 176 -16.20 0.65 -0.20
C GLU B 176 -16.73 -0.51 0.62
N ILE B 177 -16.42 -1.73 0.17
CA ILE B 177 -16.83 -2.94 0.87
C ILE B 177 -16.23 -2.88 2.26
N GLU B 178 -14.91 -2.72 2.30
CA GLU B 178 -14.18 -2.66 3.55
C GLU B 178 -14.75 -1.60 4.48
N GLU B 179 -15.13 -0.45 3.91
CA GLU B 179 -15.71 0.63 4.71
C GLU B 179 -17.11 0.21 5.15
N TYR B 180 -17.85 -0.36 4.21
CA TYR B 180 -19.20 -0.82 4.48
C TYR B 180 -19.18 -1.79 5.65
N ALA B 181 -18.33 -2.80 5.55
CA ALA B 181 -18.20 -3.81 6.59
C ALA B 181 -17.96 -3.14 7.93
N LYS B 182 -17.09 -2.15 7.91
CA LYS B 182 -16.75 -1.40 9.11
C LYS B 182 -17.95 -0.61 9.62
N PHE B 183 -18.42 0.31 8.79
CA PHE B 183 -19.55 1.14 9.16
C PHE B 183 -20.61 0.36 9.90
N LYS B 184 -20.84 -0.88 9.49
CA LYS B 184 -21.86 -1.74 10.11
C LYS B 184 -21.31 -2.77 11.08
N GLY B 185 -20.04 -2.59 11.47
CA GLY B 185 -19.44 -3.51 12.42
C GLY B 185 -19.71 -4.98 12.19
N LEU B 186 -19.34 -5.44 11.00
CA LEU B 186 -19.51 -6.82 10.62
C LEU B 186 -18.26 -7.60 10.98
N ARG B 187 -18.38 -8.92 11.03
CA ARG B 187 -17.26 -9.78 11.34
C ARG B 187 -16.90 -10.55 10.07
N TRP B 188 -15.67 -11.05 10.00
CA TRP B 188 -15.25 -11.81 8.83
C TRP B 188 -13.94 -12.57 9.00
N VAL B 189 -13.71 -13.52 8.10
CA VAL B 189 -12.51 -14.34 8.10
C VAL B 189 -11.40 -13.56 7.43
N GLU B 190 -10.18 -13.70 7.94
CA GLU B 190 -9.05 -12.99 7.38
C GLU B 190 -8.58 -13.60 6.08
N ASP B 191 -7.98 -12.76 5.25
CA ASP B 191 -7.43 -13.21 3.99
C ASP B 191 -5.96 -13.55 4.26
N GLU B 192 -5.71 -14.76 4.72
CA GLU B 192 -4.34 -15.19 4.99
C GLU B 192 -3.60 -15.22 3.67
N THR B 193 -4.26 -15.87 2.70
CA THR B 193 -3.81 -16.00 1.33
C THR B 193 -3.25 -14.69 0.82
N ASN B 194 -3.84 -13.59 1.27
CA ASN B 194 -3.39 -12.28 0.84
C ASN B 194 -1.94 -12.02 1.11
N TYR B 195 -1.33 -11.33 0.16
CA TYR B 195 0.07 -10.98 0.23
C TYR B 195 1.03 -12.06 -0.08
N GLU B 196 0.54 -13.24 -0.42
CA GLU B 196 1.54 -14.18 -0.83
C GLU B 196 1.57 -13.62 -2.24
N VAL B 197 2.64 -12.91 -2.59
CA VAL B 197 2.71 -12.29 -3.92
C VAL B 197 2.93 -13.34 -4.99
N SER B 198 3.30 -14.53 -4.55
CA SER B 198 3.54 -15.64 -5.46
C SER B 198 2.27 -15.95 -6.25
N ILE B 199 1.14 -15.40 -5.78
CA ILE B 199 -0.13 -15.58 -6.47
C ILE B 199 -0.31 -14.34 -7.34
N PRO B 200 -0.39 -14.53 -8.67
CA PRO B 200 -0.55 -13.42 -9.62
C PRO B 200 -1.58 -12.38 -9.18
N ARG B 201 -2.73 -12.86 -8.74
CA ARG B 201 -3.81 -11.98 -8.30
C ARG B 201 -3.29 -10.99 -7.26
N ASN B 202 -2.57 -11.51 -6.26
CA ASN B 202 -2.04 -10.68 -5.19
C ASN B 202 -0.91 -9.81 -5.70
N ARG B 203 -0.14 -10.33 -6.65
CA ARG B 203 0.93 -9.56 -7.24
C ARG B 203 0.30 -8.29 -7.79
N ILE B 204 -0.77 -8.46 -8.59
CA ILE B 204 -1.49 -7.35 -9.21
C ILE B 204 -2.09 -6.41 -8.17
N ARG B 205 -2.77 -6.99 -7.19
CA ARG B 205 -3.41 -6.22 -6.14
C ARG B 205 -2.43 -5.42 -5.29
N HIS B 206 -1.31 -6.04 -4.92
CA HIS B 206 -0.32 -5.39 -4.07
C HIS B 206 0.83 -4.63 -4.71
N ARG B 207 1.16 -4.95 -5.96
CA ARG B 207 2.27 -4.27 -6.60
C ARG B 207 1.84 -3.45 -7.80
N VAL B 208 1.04 -4.03 -8.68
CA VAL B 208 0.61 -3.32 -9.87
C VAL B 208 -0.45 -2.24 -9.67
N ILE B 209 -1.59 -2.61 -9.12
CA ILE B 209 -2.65 -1.63 -8.91
C ILE B 209 -2.13 -0.39 -8.14
N PRO B 210 -1.34 -0.62 -7.07
CA PRO B 210 -0.81 0.50 -6.30
C PRO B 210 -0.02 1.47 -7.14
N GLU B 211 0.85 0.94 -7.99
CA GLU B 211 1.66 1.78 -8.85
C GLU B 211 0.77 2.48 -9.88
N LEU B 212 -0.25 1.79 -10.37
CA LEU B 212 -1.16 2.40 -11.34
C LEU B 212 -1.94 3.56 -10.72
N LYS B 213 -2.25 3.44 -9.44
CA LYS B 213 -3.00 4.48 -8.76
C LYS B 213 -2.19 5.76 -8.58
N ARG B 214 -0.86 5.66 -8.65
CA ARG B 214 -0.05 6.86 -8.55
C ARG B 214 -0.23 7.69 -9.81
N ILE B 215 -0.76 7.08 -10.85
CA ILE B 215 -1.00 7.79 -12.10
C ILE B 215 -2.47 8.17 -12.22
N ASN B 216 -3.33 7.33 -11.65
CA ASN B 216 -4.76 7.60 -11.68
C ASN B 216 -5.41 7.12 -10.39
N GLU B 217 -5.64 8.08 -9.51
CA GLU B 217 -6.25 7.87 -8.21
C GLU B 217 -7.59 7.14 -8.37
N ASN B 218 -8.28 7.45 -9.46
CA ASN B 218 -9.61 6.87 -9.74
C ASN B 218 -9.62 5.70 -10.69
N LEU B 219 -8.56 4.90 -10.65
CA LEU B 219 -8.42 3.72 -11.51
C LEU B 219 -9.66 2.84 -11.59
N GLU B 220 -10.26 2.54 -10.44
CA GLU B 220 -11.45 1.70 -10.43
C GLU B 220 -12.64 2.31 -11.16
N ASP B 221 -12.92 3.59 -10.93
CA ASP B 221 -14.06 4.24 -11.56
C ASP B 221 -13.93 4.41 -13.05
N THR B 222 -12.74 4.76 -13.51
CA THR B 222 -12.50 4.96 -14.92
C THR B 222 -12.50 3.60 -15.62
N PHE B 223 -12.06 2.58 -14.89
CA PHE B 223 -12.01 1.22 -15.40
C PHE B 223 -13.42 0.75 -15.72
N LEU B 224 -14.28 0.82 -14.71
CA LEU B 224 -15.67 0.42 -14.86
C LEU B 224 -16.27 1.07 -16.09
N LYS B 225 -15.90 2.31 -16.34
CA LYS B 225 -16.44 3.01 -17.51
C LYS B 225 -15.89 2.36 -18.74
N MET B 226 -14.63 1.93 -18.66
CA MET B 226 -14.01 1.28 -19.80
C MET B 226 -14.79 0.02 -20.10
N VAL B 227 -14.96 -0.79 -19.06
CA VAL B 227 -15.67 -2.05 -19.17
C VAL B 227 -17.04 -1.88 -19.80
N LYS B 228 -17.81 -0.91 -19.31
CA LYS B 228 -19.14 -0.64 -19.84
C LYS B 228 -19.06 -0.41 -21.34
N VAL B 229 -18.17 0.49 -21.73
CA VAL B 229 -18.01 0.80 -23.14
C VAL B 229 -17.68 -0.49 -23.89
N LEU B 230 -16.70 -1.24 -23.37
CA LEU B 230 -16.28 -2.49 -23.98
C LEU B 230 -17.38 -3.54 -24.10
N ARG B 231 -18.19 -3.69 -23.05
CA ARG B 231 -19.28 -4.65 -23.05
C ARG B 231 -20.29 -4.46 -24.18
N ALA B 232 -20.68 -3.22 -24.44
CA ALA B 232 -21.63 -2.99 -25.52
C ALA B 232 -20.94 -3.22 -26.83
N GLU B 233 -19.70 -2.76 -26.94
CA GLU B 233 -18.96 -2.95 -28.17
C GLU B 233 -18.82 -4.46 -28.41
N ARG B 234 -18.57 -5.19 -27.33
CA ARG B 234 -18.43 -6.64 -27.43
C ARG B 234 -19.75 -7.23 -27.89
N GLU B 235 -20.84 -6.83 -27.25
CA GLU B 235 -22.15 -7.35 -27.61
C GLU B 235 -22.48 -7.12 -29.07
N PHE B 236 -22.18 -5.93 -29.56
CA PHE B 236 -22.42 -5.59 -30.94
C PHE B 236 -21.58 -6.51 -31.83
N LEU B 237 -20.34 -6.74 -31.42
CA LEU B 237 -19.43 -7.59 -32.17
C LEU B 237 -19.95 -9.03 -32.22
N GLU B 238 -20.41 -9.56 -31.09
CA GLU B 238 -20.94 -10.91 -30.99
C GLU B 238 -22.22 -11.08 -31.79
N GLU B 239 -23.10 -10.08 -31.75
CA GLU B 239 -24.36 -10.11 -32.47
C GLU B 239 -24.05 -10.08 -33.95
N GLU B 240 -23.38 -9.01 -34.37
CA GLU B 240 -23.01 -8.82 -35.75
C GLU B 240 -22.23 -10.04 -36.25
N ALA B 241 -21.69 -10.80 -35.30
CA ALA B 241 -20.93 -12.01 -35.60
C ALA B 241 -21.90 -13.14 -35.93
N GLN B 242 -22.73 -13.53 -34.97
CA GLN B 242 -23.71 -14.58 -35.19
C GLN B 242 -24.41 -14.37 -36.55
N LYS B 243 -24.72 -13.13 -36.89
CA LYS B 243 -25.37 -12.84 -38.15
C LYS B 243 -24.50 -13.35 -39.29
N LEU B 244 -23.23 -12.95 -39.29
CA LEU B 244 -22.31 -13.36 -40.33
C LEU B 244 -22.17 -14.87 -40.34
N TYR B 245 -22.17 -15.46 -39.14
CA TYR B 245 -22.03 -16.90 -38.98
C TYR B 245 -23.04 -17.67 -39.83
N LYS B 246 -24.30 -17.66 -39.44
CA LYS B 246 -25.32 -18.37 -40.21
C LYS B 246 -25.73 -17.53 -41.42
N GLU B 247 -24.81 -17.43 -42.37
CA GLU B 247 -24.98 -16.69 -43.60
C GLU B 247 -23.78 -17.11 -44.43
N VAL B 248 -22.85 -17.75 -43.72
CA VAL B 248 -21.60 -18.25 -44.30
C VAL B 248 -21.38 -19.71 -43.92
N LYS B 249 -21.71 -20.06 -42.68
CA LYS B 249 -21.56 -21.44 -42.22
C LYS B 249 -22.79 -22.22 -42.63
N LYS B 250 -22.73 -22.83 -43.80
CA LYS B 250 -23.85 -23.60 -44.31
C LYS B 250 -23.50 -25.08 -44.39
N GLY B 251 -23.95 -25.84 -43.39
CA GLY B 251 -23.67 -27.26 -43.35
C GLY B 251 -22.53 -27.53 -42.38
N ASN B 252 -21.36 -27.83 -42.94
CA ASN B 252 -20.19 -28.09 -42.11
C ASN B 252 -19.01 -27.36 -42.75
N CYS B 253 -19.31 -26.21 -43.34
CA CYS B 253 -18.30 -25.39 -44.00
C CYS B 253 -18.53 -23.90 -43.75
N LEU B 254 -17.81 -23.08 -44.51
CA LEU B 254 -17.89 -21.63 -44.42
C LEU B 254 -17.70 -21.00 -45.80
N ASP B 255 -18.77 -20.40 -46.32
CA ASP B 255 -18.74 -19.75 -47.62
C ASP B 255 -17.61 -18.73 -47.67
N VAL B 256 -16.39 -19.18 -47.95
CA VAL B 256 -15.23 -18.29 -48.02
C VAL B 256 -15.46 -17.12 -48.98
N LYS B 257 -16.37 -17.30 -49.92
CA LYS B 257 -16.70 -16.26 -50.89
C LYS B 257 -17.19 -15.04 -50.11
N LYS B 258 -18.00 -15.30 -49.10
CA LYS B 258 -18.57 -14.26 -48.25
C LYS B 258 -17.64 -13.78 -47.14
N LEU B 259 -17.02 -14.69 -46.40
CA LEU B 259 -16.14 -14.29 -45.31
C LEU B 259 -15.05 -13.32 -45.70
N LYS B 260 -14.12 -13.76 -46.56
CA LYS B 260 -13.01 -12.92 -47.01
C LYS B 260 -13.36 -11.44 -47.19
N GLU B 261 -14.47 -11.17 -47.86
CA GLU B 261 -14.88 -9.79 -48.10
C GLU B 261 -15.38 -9.06 -46.84
N LYS B 262 -15.95 -9.81 -45.90
CA LYS B 262 -16.45 -9.22 -44.66
C LYS B 262 -15.30 -8.79 -43.73
N PRO B 263 -15.60 -8.02 -42.68
CA PRO B 263 -14.64 -7.50 -41.69
C PRO B 263 -13.79 -8.49 -40.89
N LEU B 264 -12.49 -8.26 -40.94
CA LEU B 264 -11.49 -9.06 -40.26
C LEU B 264 -11.90 -9.45 -38.85
N ALA B 265 -12.37 -8.47 -38.09
CA ALA B 265 -12.79 -8.69 -36.73
C ALA B 265 -13.88 -9.74 -36.68
N LEU B 266 -14.82 -9.66 -37.61
CA LEU B 266 -15.93 -10.61 -37.66
C LEU B 266 -15.47 -11.98 -38.13
N GLN B 267 -14.59 -11.99 -39.14
CA GLN B 267 -14.06 -13.25 -39.66
C GLN B 267 -13.55 -14.08 -38.50
N ARG B 268 -12.57 -13.52 -37.77
CA ARG B 268 -11.98 -14.18 -36.63
C ARG B 268 -13.07 -14.64 -35.70
N ARG B 269 -14.16 -13.88 -35.67
CA ARG B 269 -15.31 -14.16 -34.82
C ARG B 269 -15.99 -15.42 -35.28
N VAL B 270 -16.34 -15.44 -36.56
CA VAL B 270 -17.00 -16.59 -37.15
C VAL B 270 -16.06 -17.78 -37.04
N ILE B 271 -14.86 -17.63 -37.59
CA ILE B 271 -13.85 -18.70 -37.55
C ILE B 271 -13.73 -19.25 -36.12
N ARG B 272 -13.70 -18.38 -35.13
CA ARG B 272 -13.57 -18.81 -33.75
C ARG B 272 -14.67 -19.78 -33.35
N LYS B 273 -15.91 -19.47 -33.70
CA LYS B 273 -17.03 -20.34 -33.32
C LYS B 273 -16.96 -21.67 -34.05
N PHE B 274 -16.77 -21.61 -35.37
CA PHE B 274 -16.68 -22.79 -36.22
C PHE B 274 -15.56 -23.72 -35.75
N ILE B 275 -14.35 -23.18 -35.74
CA ILE B 275 -13.13 -23.88 -35.35
C ILE B 275 -13.17 -24.47 -33.94
N GLY B 276 -14.09 -23.98 -33.11
CA GLY B 276 -14.18 -24.48 -31.75
C GLY B 276 -13.04 -24.02 -30.85
N GLU B 277 -11.99 -23.44 -31.46
CA GLU B 277 -10.86 -22.94 -30.70
C GLU B 277 -10.96 -21.44 -30.44
N LYS B 278 -10.10 -20.92 -29.57
CA LYS B 278 -10.15 -19.51 -29.25
C LYS B 278 -8.80 -18.80 -29.13
N ASP B 279 -7.70 -19.51 -29.36
CA ASP B 279 -6.39 -18.88 -29.27
C ASP B 279 -6.09 -18.16 -30.59
N TYR B 280 -5.49 -16.97 -30.48
CA TYR B 280 -5.17 -16.15 -31.65
C TYR B 280 -4.49 -16.94 -32.76
N GLU B 281 -3.47 -17.70 -32.39
CA GLU B 281 -2.70 -18.48 -33.36
C GLU B 281 -3.49 -19.41 -34.26
N LYS B 282 -4.18 -20.40 -33.67
CA LYS B 282 -4.93 -21.33 -34.49
C LYS B 282 -5.93 -20.59 -35.37
N VAL B 283 -6.78 -19.79 -34.73
CA VAL B 283 -7.80 -19.01 -35.41
C VAL B 283 -7.21 -18.36 -36.66
N GLU B 284 -6.08 -17.70 -36.46
CA GLU B 284 -5.38 -17.02 -37.55
C GLU B 284 -4.84 -17.97 -38.60
N LEU B 285 -4.64 -19.22 -38.22
CA LEU B 285 -4.14 -20.24 -39.14
C LEU B 285 -5.26 -20.71 -40.07
N VAL B 286 -6.44 -20.90 -39.50
CA VAL B 286 -7.60 -21.32 -40.27
C VAL B 286 -7.98 -20.19 -41.21
N ARG B 287 -7.91 -18.97 -40.70
CA ARG B 287 -8.27 -17.79 -41.49
C ARG B 287 -7.45 -17.66 -42.75
N SER B 288 -6.15 -17.98 -42.67
CA SER B 288 -5.30 -17.88 -43.83
C SER B 288 -5.95 -18.65 -44.97
N LEU B 289 -6.65 -19.72 -44.62
CA LEU B 289 -7.35 -20.54 -45.60
C LEU B 289 -8.61 -19.87 -46.13
N LEU B 290 -8.51 -18.61 -46.51
CA LEU B 290 -9.63 -17.88 -47.06
C LEU B 290 -9.13 -17.22 -48.35
N GLU B 291 -7.83 -16.95 -48.39
CA GLU B 291 -7.19 -16.33 -49.54
C GLU B 291 -6.25 -17.38 -50.15
N LYS B 292 -5.54 -18.08 -49.27
CA LYS B 292 -4.59 -19.11 -49.63
C LYS B 292 -5.16 -20.53 -49.47
N GLY B 293 -5.41 -21.20 -50.59
CA GLY B 293 -5.97 -22.55 -50.54
C GLY B 293 -5.11 -23.54 -49.76
N GLY B 294 -5.69 -24.68 -49.42
CA GLY B 294 -4.97 -25.70 -48.68
C GLY B 294 -5.75 -26.23 -47.49
N GLU B 295 -5.02 -26.73 -46.49
CA GLU B 295 -5.66 -27.27 -45.29
C GLU B 295 -4.77 -26.95 -44.10
N VAL B 296 -5.27 -27.23 -42.90
CA VAL B 296 -4.51 -26.96 -41.68
C VAL B 296 -4.85 -27.89 -40.53
N ASN B 297 -3.83 -28.51 -39.95
CA ASN B 297 -4.03 -29.43 -38.83
C ASN B 297 -3.95 -28.63 -37.54
N LEU B 298 -4.89 -28.85 -36.64
CA LEU B 298 -4.92 -28.11 -35.38
C LEU B 298 -4.88 -28.95 -34.11
N GLY B 299 -5.78 -28.62 -33.18
CA GLY B 299 -5.85 -29.31 -31.90
C GLY B 299 -6.26 -30.77 -31.98
N LYS B 300 -7.11 -31.19 -31.04
CA LYS B 300 -7.57 -32.57 -30.96
C LYS B 300 -7.89 -33.21 -32.31
N GLY B 301 -6.89 -33.84 -32.91
CA GLY B 301 -7.03 -34.50 -34.19
C GLY B 301 -7.96 -33.88 -35.21
N LYS B 302 -8.30 -32.60 -35.06
CA LYS B 302 -9.19 -31.98 -36.04
C LYS B 302 -8.44 -31.09 -37.01
N VAL B 303 -8.89 -31.11 -38.25
CA VAL B 303 -8.30 -30.33 -39.32
C VAL B 303 -9.37 -29.81 -40.29
N LEU B 304 -9.08 -28.67 -40.89
CA LEU B 304 -10.01 -28.07 -41.84
C LEU B 304 -9.28 -27.89 -43.15
N LYS B 305 -10.02 -27.96 -44.25
CA LYS B 305 -9.43 -27.81 -45.55
C LYS B 305 -10.29 -26.82 -46.32
N ARG B 306 -9.80 -26.38 -47.46
CA ARG B 306 -10.53 -25.42 -48.30
C ARG B 306 -10.91 -25.98 -49.67
N LYS B 307 -12.07 -26.63 -49.76
CA LYS B 307 -12.52 -27.16 -51.04
C LYS B 307 -13.08 -26.02 -51.87
N GLU B 308 -12.18 -25.24 -52.46
CA GLU B 308 -12.53 -24.10 -53.29
C GLU B 308 -13.24 -23.01 -52.49
N ARG B 309 -14.44 -22.60 -52.91
CA ARG B 309 -15.15 -21.55 -52.22
C ARG B 309 -15.90 -22.01 -50.96
N TRP B 310 -15.35 -23.01 -50.28
CA TRP B 310 -15.95 -23.52 -49.05
C TRP B 310 -14.86 -24.00 -48.10
N LEU B 311 -15.07 -23.79 -46.80
CA LEU B 311 -14.08 -24.18 -45.80
C LEU B 311 -14.70 -25.17 -44.81
N CYS B 312 -14.26 -26.41 -44.86
CA CYS B 312 -14.81 -27.44 -43.98
C CYS B 312 -13.71 -28.24 -43.27
N PHE B 313 -14.10 -29.29 -42.57
CA PHE B 313 -13.15 -30.14 -41.85
C PHE B 313 -12.59 -31.28 -42.72
N SER B 314 -12.03 -32.29 -42.06
CA SER B 314 -11.43 -33.43 -42.76
C SER B 314 -11.78 -34.78 -42.11
N MET C 1 12.18 -28.21 31.76
CA MET C 1 11.01 -27.42 32.25
C MET C 1 9.81 -27.59 31.32
N ASN C 2 8.68 -28.00 31.87
CA ASN C 2 7.47 -28.19 31.07
C ASN C 2 6.63 -26.92 30.97
N PRO C 3 5.61 -26.92 30.09
CA PRO C 3 4.70 -25.79 29.84
C PRO C 3 3.97 -25.29 31.09
N GLU C 4 3.72 -26.20 32.04
CA GLU C 4 3.06 -25.83 33.28
C GLU C 4 4.03 -25.02 34.14
N SER C 5 5.18 -25.61 34.42
CA SER C 5 6.17 -24.95 35.25
C SER C 5 6.63 -23.62 34.67
N ARG C 6 6.71 -23.53 33.35
CA ARG C 6 7.16 -22.31 32.69
C ARG C 6 6.27 -21.11 33.03
N VAL C 7 4.96 -21.36 33.13
CA VAL C 7 3.99 -20.33 33.46
C VAL C 7 3.97 -20.05 34.95
N ILE C 8 3.91 -21.11 35.74
CA ILE C 8 3.92 -20.96 37.18
C ILE C 8 5.12 -20.09 37.59
N ARG C 9 6.29 -20.41 37.06
CA ARG C 9 7.49 -19.63 37.39
C ARG C 9 7.29 -18.14 37.16
N LYS C 10 6.83 -17.77 35.96
CA LYS C 10 6.58 -16.37 35.63
C LYS C 10 5.51 -15.76 36.54
N VAL C 11 4.65 -16.60 37.08
CA VAL C 11 3.62 -16.11 37.97
C VAL C 11 4.30 -15.80 39.31
N LEU C 12 5.06 -16.76 39.81
CA LEU C 12 5.79 -16.60 41.05
C LEU C 12 6.76 -15.42 40.95
N ALA C 13 7.39 -15.26 39.80
CA ALA C 13 8.33 -14.17 39.60
C ALA C 13 7.58 -12.84 39.71
N LEU C 14 6.42 -12.77 39.06
CA LEU C 14 5.60 -11.57 39.05
C LEU C 14 5.18 -11.27 40.48
N GLN C 15 4.86 -12.33 41.21
CA GLN C 15 4.44 -12.21 42.59
C GLN C 15 5.52 -11.49 43.37
N ASN C 16 6.75 -11.93 43.14
CA ASN C 16 7.92 -11.39 43.81
C ASN C 16 8.23 -9.96 43.43
N ASP C 17 8.15 -9.65 42.14
CA ASP C 17 8.46 -8.30 41.71
C ASP C 17 7.36 -7.28 41.98
N GLU C 18 6.13 -7.75 42.10
CA GLU C 18 5.04 -6.80 42.27
C GLU C 18 4.09 -7.07 43.42
N LYS C 19 4.30 -8.16 44.15
CA LYS C 19 3.42 -8.49 45.26
C LYS C 19 1.96 -8.44 44.79
N ILE C 20 1.65 -9.28 43.82
CA ILE C 20 0.31 -9.37 43.26
C ILE C 20 -0.69 -9.72 44.36
N PHE C 21 -0.33 -10.72 45.15
CA PHE C 21 -1.16 -11.14 46.26
C PHE C 21 -0.34 -10.89 47.50
N SER C 22 -0.89 -10.11 48.42
CA SER C 22 -0.19 -9.80 49.65
C SER C 22 -1.19 -9.62 50.75
N GLY C 23 -2.03 -10.62 50.94
CA GLY C 23 -3.02 -10.55 52.00
C GLY C 23 -4.43 -10.81 51.54
N GLU C 24 -4.70 -10.63 50.24
CA GLU C 24 -6.04 -10.88 49.72
C GLU C 24 -6.44 -12.30 50.13
N ARG C 25 -7.73 -12.56 50.21
CA ARG C 25 -8.15 -13.89 50.60
C ARG C 25 -9.25 -14.46 49.71
N ARG C 26 -9.92 -13.57 48.99
CA ARG C 26 -11.00 -13.95 48.08
C ARG C 26 -10.70 -13.35 46.72
N VAL C 27 -10.56 -14.19 45.71
CA VAL C 27 -10.27 -13.72 44.36
C VAL C 27 -11.37 -14.02 43.37
N LEU C 28 -11.76 -13.01 42.61
CA LEU C 28 -12.81 -13.16 41.61
C LEU C 28 -12.10 -13.09 40.28
N ILE C 29 -12.16 -14.18 39.53
CA ILE C 29 -11.53 -14.22 38.23
C ILE C 29 -12.53 -13.78 37.19
N ALA C 30 -12.16 -12.78 36.40
CA ALA C 30 -13.05 -12.33 35.33
C ALA C 30 -12.93 -13.45 34.29
N PHE C 31 -13.83 -14.42 34.37
CA PHE C 31 -13.83 -15.59 33.49
C PHE C 31 -14.61 -15.45 32.19
N SER C 32 -13.91 -15.45 31.06
CA SER C 32 -14.56 -15.36 29.75
C SER C 32 -14.81 -16.74 29.19
N GLY C 33 -14.07 -17.72 29.67
CA GLY C 33 -14.20 -19.07 29.18
C GLY C 33 -13.04 -19.33 28.23
N GLY C 34 -12.37 -18.27 27.82
CA GLY C 34 -11.23 -18.35 26.92
C GLY C 34 -10.01 -19.03 27.51
N VAL C 35 -8.99 -19.25 26.69
CA VAL C 35 -7.76 -19.92 27.12
C VAL C 35 -7.11 -19.27 28.34
N ASP C 36 -6.79 -17.99 28.24
CA ASP C 36 -6.16 -17.27 29.34
C ASP C 36 -6.95 -17.35 30.64
N SER C 37 -8.28 -17.23 30.55
CA SER C 37 -9.10 -17.32 31.74
C SER C 37 -8.97 -18.71 32.31
N VAL C 38 -9.04 -19.72 31.45
CA VAL C 38 -8.94 -21.09 31.89
C VAL C 38 -7.59 -21.37 32.53
N VAL C 39 -6.52 -20.97 31.85
CA VAL C 39 -5.20 -21.16 32.41
C VAL C 39 -5.08 -20.34 33.71
N LEU C 40 -5.52 -19.10 33.64
CA LEU C 40 -5.47 -18.22 34.80
C LEU C 40 -6.08 -18.96 35.96
N THR C 41 -7.19 -19.61 35.69
CA THR C 41 -7.93 -20.34 36.69
C THR C 41 -7.22 -21.61 37.13
N ASP C 42 -6.58 -22.28 36.20
CA ASP C 42 -5.86 -23.49 36.55
C ASP C 42 -4.70 -23.10 37.49
N VAL C 43 -3.97 -22.07 37.09
CA VAL C 43 -2.84 -21.56 37.85
C VAL C 43 -3.24 -21.04 39.24
N LEU C 44 -4.31 -20.26 39.32
CA LEU C 44 -4.69 -19.76 40.63
C LEU C 44 -5.18 -20.90 41.50
N LEU C 45 -5.81 -21.90 40.90
CA LEU C 45 -6.28 -23.04 41.68
C LEU C 45 -5.09 -23.85 42.17
N LYS C 46 -4.07 -24.00 41.34
CA LYS C 46 -2.90 -24.75 41.75
C LYS C 46 -2.14 -23.99 42.82
N LEU C 47 -2.10 -22.66 42.67
CA LEU C 47 -1.40 -21.78 43.58
C LEU C 47 -2.24 -21.29 44.75
N LYS C 48 -3.52 -21.64 44.79
CA LYS C 48 -4.40 -21.19 45.85
C LYS C 48 -3.75 -21.24 47.25
N ASN C 49 -3.31 -22.42 47.70
CA ASN C 49 -2.68 -22.51 49.01
C ASN C 49 -1.35 -21.76 49.07
N TYR C 50 -0.61 -21.72 47.98
CA TYR C 50 0.65 -21.01 48.00
C TYR C 50 0.42 -19.54 48.31
N PHE C 51 -0.69 -19.01 47.80
CA PHE C 51 -1.06 -17.61 48.02
C PHE C 51 -1.96 -17.40 49.22
N SER C 52 -2.29 -18.48 49.92
CA SER C 52 -3.13 -18.42 51.11
C SER C 52 -4.57 -17.98 50.84
N LEU C 53 -5.03 -18.17 49.61
CA LEU C 53 -6.39 -17.79 49.27
C LEU C 53 -7.43 -18.68 49.93
N LYS C 54 -8.57 -18.09 50.30
CA LYS C 54 -9.66 -18.86 50.90
C LYS C 54 -10.62 -19.29 49.80
N GLU C 55 -10.78 -18.48 48.77
CA GLU C 55 -11.70 -18.82 47.71
C GLU C 55 -11.43 -18.11 46.41
N VAL C 56 -11.58 -18.87 45.33
CA VAL C 56 -11.40 -18.39 43.98
C VAL C 56 -12.65 -18.81 43.25
N ALA C 57 -13.34 -17.84 42.68
CA ALA C 57 -14.55 -18.12 41.95
C ALA C 57 -14.44 -17.44 40.61
N LEU C 58 -15.36 -17.77 39.73
CA LEU C 58 -15.35 -17.20 38.40
C LEU C 58 -16.52 -16.26 38.25
N ALA C 59 -16.34 -15.24 37.43
CA ALA C 59 -17.39 -14.28 37.14
C ALA C 59 -17.41 -14.18 35.62
N HIS C 60 -18.45 -14.72 35.01
CA HIS C 60 -18.58 -14.67 33.55
C HIS C 60 -19.71 -13.75 33.13
N PHE C 61 -19.46 -12.94 32.12
CA PHE C 61 -20.45 -12.02 31.62
C PHE C 61 -20.87 -12.32 30.19
N ASN C 62 -22.17 -12.41 29.98
CA ASN C 62 -22.72 -12.68 28.66
C ASN C 62 -23.13 -11.35 28.06
N HIS C 63 -22.45 -11.00 26.96
CA HIS C 63 -22.69 -9.76 26.25
C HIS C 63 -23.90 -9.89 25.34
N MET C 64 -24.38 -11.12 25.16
CA MET C 64 -25.53 -11.40 24.32
C MET C 64 -25.33 -11.06 22.84
N LEU C 65 -24.27 -10.33 22.52
CA LEU C 65 -23.98 -9.94 21.15
C LEU C 65 -24.09 -11.09 20.16
N ARG C 66 -23.10 -11.98 20.17
CA ARG C 66 -23.10 -13.12 19.26
C ARG C 66 -24.11 -14.20 19.70
N GLU C 67 -24.20 -15.27 18.92
CA GLU C 67 -25.11 -16.36 19.24
C GLU C 67 -24.42 -17.38 20.13
N SER C 68 -23.10 -17.42 20.08
CA SER C 68 -22.31 -18.35 20.89
C SER C 68 -22.27 -17.95 22.35
N ALA C 69 -22.84 -16.80 22.66
CA ALA C 69 -22.88 -16.29 24.02
C ALA C 69 -23.49 -17.33 24.95
N GLU C 70 -24.54 -17.99 24.48
CA GLU C 70 -25.20 -19.02 25.27
C GLU C 70 -24.27 -20.21 25.46
N ARG C 71 -23.66 -20.64 24.36
CA ARG C 71 -22.74 -21.77 24.40
C ARG C 71 -21.66 -21.42 25.41
N ASP C 72 -21.04 -20.26 25.21
CA ASP C 72 -19.96 -19.82 26.08
C ASP C 72 -20.36 -19.84 27.54
N GLU C 73 -21.58 -19.37 27.83
CA GLU C 73 -22.07 -19.36 29.19
C GLU C 73 -22.13 -20.79 29.71
N GLU C 74 -22.64 -21.68 28.85
CA GLU C 74 -22.76 -23.09 29.19
C GLU C 74 -21.42 -23.68 29.57
N PHE C 75 -20.40 -23.34 28.78
CA PHE C 75 -19.06 -23.83 29.04
C PHE C 75 -18.63 -23.46 30.46
N CYS C 76 -18.55 -22.16 30.71
CA CYS C 76 -18.14 -21.66 32.01
C CYS C 76 -18.88 -22.34 33.16
N LYS C 77 -20.20 -22.47 33.05
CA LYS C 77 -20.96 -23.14 34.11
C LYS C 77 -20.46 -24.57 34.25
N GLU C 78 -20.10 -25.19 33.13
CA GLU C 78 -19.62 -26.55 33.16
C GLU C 78 -18.25 -26.59 33.83
N PHE C 79 -17.34 -25.76 33.31
CA PHE C 79 -15.99 -25.62 33.82
C PHE C 79 -16.03 -25.48 35.32
N ALA C 80 -16.90 -24.60 35.77
CA ALA C 80 -17.08 -24.37 37.19
C ALA C 80 -17.36 -25.67 37.93
N LYS C 81 -18.39 -26.39 37.51
CA LYS C 81 -18.77 -27.65 38.16
C LYS C 81 -17.65 -28.68 38.14
N GLU C 82 -16.92 -28.74 37.05
CA GLU C 82 -15.83 -29.69 36.95
C GLU C 82 -14.74 -29.38 37.97
N ARG C 83 -14.57 -28.10 38.28
CA ARG C 83 -13.54 -27.68 39.22
C ARG C 83 -14.03 -27.57 40.66
N ASN C 84 -15.36 -27.62 40.83
CA ASN C 84 -15.98 -27.52 42.15
C ASN C 84 -15.85 -26.06 42.59
N MET C 85 -15.99 -25.17 41.62
CA MET C 85 -15.91 -23.72 41.81
C MET C 85 -17.27 -23.03 41.69
N LYS C 86 -17.43 -21.97 42.46
CA LYS C 86 -18.65 -21.19 42.40
C LYS C 86 -18.50 -20.27 41.20
N ILE C 87 -19.58 -20.02 40.47
CA ILE C 87 -19.49 -19.13 39.33
C ILE C 87 -20.60 -18.10 39.40
N PHE C 88 -20.37 -16.95 38.78
CA PHE C 88 -21.36 -15.89 38.73
C PHE C 88 -21.50 -15.51 37.29
N VAL C 89 -22.74 -15.49 36.80
CA VAL C 89 -22.94 -15.13 35.42
C VAL C 89 -23.93 -14.00 35.26
N GLY C 90 -23.51 -12.98 34.54
CA GLY C 90 -24.34 -11.82 34.31
C GLY C 90 -24.71 -11.80 32.85
N LYS C 91 -25.79 -11.09 32.53
CA LYS C 91 -26.28 -11.00 31.17
C LYS C 91 -26.91 -9.62 30.99
N GLU C 92 -26.65 -8.99 29.85
CA GLU C 92 -27.20 -7.67 29.55
C GLU C 92 -27.17 -7.49 28.03
N ASP C 93 -28.17 -6.81 27.49
CA ASP C 93 -28.24 -6.59 26.05
C ASP C 93 -27.28 -5.49 25.63
N VAL C 94 -25.99 -5.79 25.67
CA VAL C 94 -24.98 -4.82 25.31
C VAL C 94 -25.39 -4.03 24.07
N ARG C 95 -25.74 -4.76 23.02
CA ARG C 95 -26.14 -4.16 21.75
C ARG C 95 -27.17 -3.05 21.97
N ALA C 96 -28.25 -3.38 22.66
CA ALA C 96 -29.31 -2.42 22.96
C ALA C 96 -28.75 -1.24 23.76
N PHE C 97 -28.04 -1.55 24.83
CA PHE C 97 -27.45 -0.52 25.70
C PHE C 97 -26.64 0.46 24.85
N ALA C 98 -25.76 -0.07 24.03
CA ALA C 98 -24.94 0.77 23.17
C ALA C 98 -25.81 1.63 22.27
N LYS C 99 -26.94 1.08 21.83
CA LYS C 99 -27.85 1.79 20.94
C LYS C 99 -28.52 3.03 21.54
N GLU C 100 -28.83 2.99 22.83
CA GLU C 100 -29.46 4.14 23.45
C GLU C 100 -28.45 5.15 23.99
N ASN C 101 -27.47 4.65 24.73
CA ASN C 101 -26.44 5.51 25.31
C ASN C 101 -25.48 6.07 24.27
N ARG C 102 -25.81 5.91 22.99
CA ARG C 102 -24.97 6.41 21.90
C ARG C 102 -23.53 5.89 21.98
N MET C 103 -23.36 4.71 22.56
CA MET C 103 -22.04 4.12 22.71
C MET C 103 -21.79 3.03 21.69
N SER C 104 -20.52 2.72 21.51
CA SER C 104 -20.09 1.67 20.58
C SER C 104 -20.18 0.32 21.31
N LEU C 105 -20.40 -0.75 20.57
CA LEU C 105 -20.50 -2.06 21.19
C LEU C 105 -19.28 -2.41 22.04
N GLU C 106 -18.09 -1.94 21.65
CA GLU C 106 -16.88 -2.25 22.42
C GLU C 106 -16.87 -1.58 23.79
N GLU C 107 -16.96 -0.26 23.83
CA GLU C 107 -16.97 0.41 25.11
C GLU C 107 -18.18 0.02 25.93
N ALA C 108 -19.29 -0.23 25.25
CA ALA C 108 -20.52 -0.60 25.93
C ALA C 108 -20.38 -1.96 26.61
N GLY C 109 -19.73 -2.89 25.92
CA GLY C 109 -19.54 -4.20 26.49
C GLY C 109 -18.53 -4.11 27.61
N ARG C 110 -17.58 -3.20 27.44
CA ARG C 110 -16.55 -2.96 28.43
C ARG C 110 -17.29 -2.50 29.66
N PHE C 111 -18.07 -1.44 29.48
CA PHE C 111 -18.83 -0.86 30.57
C PHE C 111 -19.74 -1.86 31.29
N LEU C 112 -20.61 -2.54 30.55
CA LEU C 112 -21.52 -3.49 31.17
C LEU C 112 -20.83 -4.69 31.81
N ARG C 113 -19.68 -5.10 31.26
CA ARG C 113 -18.95 -6.24 31.82
C ARG C 113 -18.29 -5.85 33.13
N TYR C 114 -17.56 -4.74 33.11
CA TYR C 114 -16.85 -4.23 34.27
C TYR C 114 -17.89 -3.85 35.32
N LYS C 115 -19.04 -3.38 34.87
CA LYS C 115 -20.09 -3.01 35.81
C LYS C 115 -20.55 -4.30 36.53
N PHE C 116 -20.64 -5.38 35.78
CA PHE C 116 -21.03 -6.66 36.33
C PHE C 116 -19.96 -7.19 37.28
N LEU C 117 -18.70 -7.04 36.90
CA LEU C 117 -17.60 -7.51 37.75
C LEU C 117 -17.60 -6.80 39.09
N LYS C 118 -17.79 -5.48 39.05
CA LYS C 118 -17.86 -4.69 40.26
C LYS C 118 -19.07 -5.15 41.06
N GLU C 119 -20.19 -5.30 40.36
CA GLU C 119 -21.41 -5.74 41.02
C GLU C 119 -21.14 -7.02 41.81
N ILE C 120 -20.34 -7.91 41.24
CA ILE C 120 -20.05 -9.15 41.95
C ILE C 120 -18.95 -8.94 42.98
N LEU C 121 -17.90 -8.22 42.62
CA LEU C 121 -16.82 -7.94 43.57
C LEU C 121 -17.40 -7.34 44.84
N GLU C 122 -18.15 -6.26 44.64
CA GLU C 122 -18.78 -5.50 45.71
C GLU C 122 -19.79 -6.27 46.54
N SER C 123 -20.76 -6.91 45.88
CA SER C 123 -21.81 -7.62 46.60
C SER C 123 -21.46 -8.98 47.14
N GLU C 124 -20.45 -9.63 46.58
CA GLU C 124 -20.11 -10.94 47.08
C GLU C 124 -18.91 -10.93 48.03
N GLY C 125 -18.23 -9.79 48.10
CA GLY C 125 -17.12 -9.68 49.03
C GLY C 125 -15.75 -10.15 48.57
N PHE C 126 -15.45 -9.97 47.30
CA PHE C 126 -14.14 -10.39 46.83
C PHE C 126 -13.16 -9.22 46.98
N ASP C 127 -11.92 -9.54 47.28
CA ASP C 127 -10.92 -8.52 47.49
C ASP C 127 -10.48 -7.91 46.18
N CYS C 128 -10.12 -8.75 45.22
CA CYS C 128 -9.68 -8.23 43.94
C CYS C 128 -10.32 -9.01 42.84
N ILE C 129 -10.14 -8.51 41.63
CA ILE C 129 -10.64 -9.16 40.46
C ILE C 129 -9.38 -9.55 39.73
N ALA C 130 -9.17 -10.86 39.58
CA ALA C 130 -8.00 -11.32 38.85
C ALA C 130 -8.48 -11.33 37.43
N THR C 131 -7.70 -10.71 36.57
CA THR C 131 -8.00 -10.61 35.15
C THR C 131 -6.97 -11.49 34.44
N ALA C 132 -7.30 -11.98 33.24
CA ALA C 132 -6.37 -12.83 32.50
C ALA C 132 -5.41 -12.02 31.62
N HIS C 133 -5.42 -10.69 31.77
CA HIS C 133 -4.51 -9.88 30.97
C HIS C 133 -3.11 -10.43 31.07
N HIS C 134 -2.42 -10.49 29.95
CA HIS C 134 -1.08 -11.04 29.88
C HIS C 134 -0.15 -10.12 29.07
N LEU C 135 1.12 -10.49 29.03
CA LEU C 135 2.14 -9.70 28.32
C LEU C 135 1.74 -9.34 26.89
N ASN C 136 1.04 -10.24 26.20
CA ASN C 136 0.65 -9.94 24.83
C ASN C 136 -0.47 -8.91 24.78
N ASP C 137 -1.28 -8.85 25.83
CA ASP C 137 -2.36 -7.88 25.92
C ASP C 137 -1.69 -6.52 26.14
N LEU C 138 -0.69 -6.54 27.00
CA LEU C 138 0.05 -5.34 27.32
C LEU C 138 0.69 -4.82 26.07
N LEU C 139 1.35 -5.73 25.36
CA LEU C 139 2.05 -5.39 24.12
C LEU C 139 1.08 -4.80 23.14
N GLU C 140 -0.13 -5.35 23.08
CA GLU C 140 -1.16 -4.85 22.18
C GLU C 140 -1.57 -3.44 22.58
N THR C 141 -1.89 -3.30 23.85
CA THR C 141 -2.29 -2.02 24.46
C THR C 141 -1.24 -0.96 24.17
N SER C 142 0.00 -1.31 24.44
CA SER C 142 1.10 -0.40 24.24
C SER C 142 1.17 0.08 22.80
N LEU C 143 1.14 -0.86 21.87
CA LEU C 143 1.22 -0.46 20.48
C LEU C 143 0.03 0.41 20.11
N LEU C 144 -1.16 0.03 20.56
CA LEU C 144 -2.35 0.81 20.26
C LEU C 144 -2.13 2.28 20.61
N PHE C 145 -1.62 2.53 21.81
CA PHE C 145 -1.36 3.88 22.27
C PHE C 145 -0.28 4.54 21.42
N PHE C 146 0.73 3.76 21.05
CA PHE C 146 1.79 4.31 20.21
C PHE C 146 1.10 4.84 18.96
N THR C 147 0.11 4.08 18.51
CA THR C 147 -0.67 4.39 17.31
C THR C 147 -1.61 5.58 17.43
N ARG C 148 -2.40 5.63 18.49
CA ARG C 148 -3.36 6.71 18.64
C ARG C 148 -2.81 8.04 19.09
N GLY C 149 -1.60 8.05 19.61
CA GLY C 149 -1.01 9.28 20.11
C GLY C 149 -0.81 9.08 21.58
N THR C 150 0.40 9.28 22.07
CA THR C 150 0.64 9.02 23.47
C THR C 150 1.98 9.50 23.99
N GLY C 151 2.16 9.33 25.29
CA GLY C 151 3.41 9.68 25.93
C GLY C 151 3.83 8.44 26.71
N LEU C 152 4.74 8.59 27.65
CA LEU C 152 5.17 7.44 28.43
C LEU C 152 4.02 6.59 28.96
N ASP C 153 2.97 7.21 29.48
CA ASP C 153 1.87 6.41 30.03
C ASP C 153 1.34 5.37 29.05
N GLY C 154 0.87 5.83 27.90
CA GLY C 154 0.35 4.91 26.92
C GLY C 154 1.32 3.78 26.60
N LEU C 155 2.60 4.12 26.53
CA LEU C 155 3.61 3.12 26.20
C LEU C 155 3.74 2.04 27.23
N ILE C 156 3.61 2.40 28.50
CA ILE C 156 3.74 1.43 29.56
C ILE C 156 2.56 0.45 29.61
N GLY C 157 1.37 0.95 29.29
CA GLY C 157 0.19 0.09 29.28
C GLY C 157 -0.32 -0.17 30.68
N PHE C 158 -1.07 -1.24 30.89
CA PHE C 158 -1.58 -1.52 32.22
C PHE C 158 -0.50 -2.06 33.16
N LEU C 159 -0.82 -2.08 34.45
CA LEU C 159 0.11 -2.55 35.46
C LEU C 159 -0.39 -3.85 35.99
N PRO C 160 0.51 -4.71 36.49
CA PRO C 160 0.05 -6.00 37.02
C PRO C 160 -0.88 -5.90 38.24
N LYS C 161 -0.83 -4.76 38.90
CA LYS C 161 -1.60 -4.53 40.12
C LYS C 161 -2.04 -3.07 40.12
N GLU C 162 -3.31 -2.84 39.78
CA GLU C 162 -3.89 -1.49 39.73
C GLU C 162 -5.19 -1.47 40.52
N GLU C 163 -5.14 -0.84 41.69
CA GLU C 163 -6.28 -0.76 42.58
C GLU C 163 -6.86 -2.16 42.76
N VAL C 164 -8.15 -2.26 42.52
CA VAL C 164 -8.94 -3.49 42.64
C VAL C 164 -8.54 -4.64 41.70
N ILE C 165 -7.75 -4.33 40.68
CA ILE C 165 -7.39 -5.34 39.71
C ILE C 165 -6.01 -6.00 39.79
N ARG C 166 -6.03 -7.32 39.59
CA ARG C 166 -4.84 -8.13 39.64
C ARG C 166 -4.66 -8.84 38.29
N ARG C 167 -3.44 -8.83 37.76
CA ARG C 167 -3.17 -9.48 36.49
C ARG C 167 -1.97 -10.42 36.62
N PRO C 168 -2.19 -11.60 37.23
CA PRO C 168 -1.14 -12.62 37.46
C PRO C 168 -0.32 -13.10 36.25
N LEU C 169 -0.85 -12.93 35.04
CA LEU C 169 -0.16 -13.37 33.83
C LEU C 169 0.57 -12.24 33.11
N TYR C 170 0.64 -11.09 33.77
CA TYR C 170 1.34 -9.92 33.21
C TYR C 170 2.67 -10.32 32.52
N TYR C 171 3.42 -11.23 33.11
CA TYR C 171 4.71 -11.68 32.54
C TYR C 171 4.58 -12.81 31.52
N VAL C 172 3.44 -13.51 31.56
CA VAL C 172 3.20 -14.65 30.68
C VAL C 172 2.82 -14.27 29.26
N LYS C 173 3.34 -15.01 28.29
CA LYS C 173 3.04 -14.78 26.89
C LYS C 173 1.80 -15.59 26.60
N ARG C 174 1.07 -15.20 25.56
CA ARG C 174 -0.13 -15.93 25.18
C ARG C 174 0.29 -17.32 24.68
N SER C 175 1.49 -17.40 24.12
CA SER C 175 2.07 -18.63 23.60
C SER C 175 2.18 -19.62 24.76
N GLU C 176 2.69 -19.13 25.88
CA GLU C 176 2.89 -19.95 27.06
C GLU C 176 1.55 -20.37 27.66
N ILE C 177 0.59 -19.45 27.65
CA ILE C 177 -0.74 -19.74 28.16
C ILE C 177 -1.28 -20.91 27.36
N GLU C 178 -1.26 -20.77 26.04
CA GLU C 178 -1.75 -21.82 25.17
C GLU C 178 -1.01 -23.15 25.38
N GLU C 179 0.32 -23.13 25.30
CA GLU C 179 1.07 -24.37 25.48
C GLU C 179 0.67 -24.98 26.82
N TYR C 180 0.54 -24.13 27.83
CA TYR C 180 0.15 -24.56 29.16
C TYR C 180 -1.14 -25.36 29.09
N ALA C 181 -2.13 -24.77 28.42
CA ALA C 181 -3.43 -25.40 28.27
C ALA C 181 -3.29 -26.77 27.62
N LYS C 182 -2.76 -26.79 26.40
CA LYS C 182 -2.56 -28.05 25.70
C LYS C 182 -1.82 -29.07 26.57
N PHE C 183 -0.74 -28.64 27.19
CA PHE C 183 0.05 -29.53 28.03
C PHE C 183 -0.79 -30.21 29.12
N LYS C 184 -1.77 -29.51 29.67
CA LYS C 184 -2.59 -30.11 30.72
C LYS C 184 -3.95 -30.57 30.20
N GLY C 185 -4.08 -30.58 28.87
CA GLY C 185 -5.29 -31.03 28.22
C GLY C 185 -6.57 -30.39 28.70
N LEU C 186 -6.55 -29.06 28.83
CA LEU C 186 -7.71 -28.33 29.29
C LEU C 186 -8.53 -27.88 28.09
N ARG C 187 -9.81 -27.60 28.33
CA ARG C 187 -10.69 -27.12 27.26
C ARG C 187 -10.88 -25.61 27.44
N TRP C 188 -11.54 -24.97 26.49
CA TRP C 188 -11.79 -23.55 26.55
C TRP C 188 -12.64 -23.10 25.38
N VAL C 189 -13.18 -21.89 25.44
CA VAL C 189 -13.96 -21.43 24.30
C VAL C 189 -12.97 -20.81 23.33
N GLU C 190 -13.29 -20.92 22.05
CA GLU C 190 -12.46 -20.40 20.98
C GLU C 190 -12.38 -18.88 20.93
N ASP C 191 -11.18 -18.37 20.71
CA ASP C 191 -11.00 -16.94 20.61
C ASP C 191 -11.63 -16.53 19.29
N GLU C 192 -12.51 -15.54 19.31
CA GLU C 192 -13.16 -15.09 18.08
C GLU C 192 -12.70 -13.69 17.68
N THR C 193 -11.65 -13.18 18.34
CA THR C 193 -11.17 -11.84 18.04
C THR C 193 -10.55 -11.73 16.65
N ASN C 194 -10.16 -12.87 16.09
CA ASN C 194 -9.56 -12.89 14.76
C ASN C 194 -10.55 -12.62 13.64
N TYR C 195 -11.84 -12.48 13.96
CA TYR C 195 -12.84 -12.18 12.94
C TYR C 195 -13.43 -10.80 13.19
N GLU C 196 -12.81 -10.07 14.11
CA GLU C 196 -13.30 -8.74 14.45
C GLU C 196 -12.15 -7.76 14.46
N VAL C 197 -11.50 -7.61 13.32
CA VAL C 197 -10.37 -6.69 13.19
C VAL C 197 -10.84 -5.24 13.10
N SER C 198 -12.14 -5.03 12.99
CA SER C 198 -12.68 -3.67 12.95
C SER C 198 -12.23 -3.01 14.24
N ILE C 199 -12.18 -3.81 15.28
CA ILE C 199 -11.73 -3.40 16.61
C ILE C 199 -10.22 -3.17 16.53
N PRO C 200 -9.77 -1.92 16.72
CA PRO C 200 -8.33 -1.62 16.65
C PRO C 200 -7.43 -2.62 17.40
N ARG C 201 -7.72 -2.82 18.68
CA ARG C 201 -6.97 -3.77 19.48
C ARG C 201 -6.72 -5.05 18.67
N ASN C 202 -7.82 -5.60 18.14
CA ASN C 202 -7.79 -6.83 17.35
C ASN C 202 -6.94 -6.71 16.09
N ARG C 203 -7.01 -5.57 15.42
CA ARG C 203 -6.21 -5.41 14.22
C ARG C 203 -4.75 -5.49 14.66
N ILE C 204 -4.41 -4.83 15.76
CA ILE C 204 -3.04 -4.86 16.26
C ILE C 204 -2.65 -6.31 16.54
N ARG C 205 -3.51 -6.98 17.30
CA ARG C 205 -3.25 -8.36 17.67
C ARG C 205 -3.10 -9.32 16.50
N HIS C 206 -4.02 -9.24 15.56
CA HIS C 206 -4.03 -10.14 14.43
C HIS C 206 -3.49 -9.60 13.11
N ARG C 207 -3.00 -8.38 13.10
CA ARG C 207 -2.50 -7.84 11.84
C ARG C 207 -1.14 -7.17 12.03
N VAL C 208 -0.84 -6.74 13.26
CA VAL C 208 0.42 -6.08 13.48
C VAL C 208 1.45 -6.87 14.29
N ILE C 209 1.12 -7.32 15.50
CA ILE C 209 2.13 -8.07 16.25
C ILE C 209 2.75 -9.15 15.36
N PRO C 210 1.92 -9.97 14.69
CA PRO C 210 2.42 -11.04 13.81
C PRO C 210 3.51 -10.55 12.87
N GLU C 211 3.31 -9.37 12.29
CA GLU C 211 4.28 -8.75 11.40
C GLU C 211 5.55 -8.39 12.17
N LEU C 212 5.38 -7.88 13.38
CA LEU C 212 6.53 -7.49 14.17
C LEU C 212 7.27 -8.68 14.73
N LYS C 213 6.57 -9.80 14.93
CA LYS C 213 7.24 -10.97 15.46
C LYS C 213 8.07 -11.65 14.39
N ARG C 214 7.93 -11.17 13.15
CA ARG C 214 8.72 -11.71 12.06
C ARG C 214 9.99 -10.87 12.00
N ILE C 215 10.11 -9.94 12.94
CA ILE C 215 11.31 -9.12 13.02
C ILE C 215 11.99 -9.54 14.29
N ASN C 216 11.19 -9.82 15.31
CA ASN C 216 11.69 -10.26 16.61
C ASN C 216 10.70 -11.24 17.21
N GLU C 217 11.05 -12.52 17.17
CA GLU C 217 10.19 -13.56 17.71
C GLU C 217 10.01 -13.44 19.21
N ASN C 218 10.89 -12.68 19.85
CA ASN C 218 10.82 -12.48 21.29
C ASN C 218 10.41 -11.07 21.61
N LEU C 219 9.49 -10.55 20.81
CA LEU C 219 8.96 -9.21 20.97
C LEU C 219 8.48 -9.01 22.39
N GLU C 220 7.74 -9.98 22.90
CA GLU C 220 7.20 -9.93 24.25
C GLU C 220 8.23 -9.75 25.36
N ASP C 221 9.37 -10.41 25.23
CA ASP C 221 10.43 -10.35 26.24
C ASP C 221 11.21 -9.04 26.14
N THR C 222 11.42 -8.62 24.90
CA THR C 222 12.10 -7.38 24.62
C THR C 222 11.19 -6.24 25.12
N PHE C 223 9.97 -6.22 24.58
CA PHE C 223 8.96 -5.24 24.94
C PHE C 223 8.92 -5.06 26.45
N LEU C 224 8.84 -6.18 27.17
CA LEU C 224 8.77 -6.14 28.63
C LEU C 224 9.89 -5.30 29.23
N LYS C 225 11.11 -5.50 28.70
CA LYS C 225 12.28 -4.78 29.15
C LYS C 225 12.12 -3.27 28.94
N MET C 226 11.48 -2.88 27.84
CA MET C 226 11.25 -1.46 27.59
C MET C 226 10.28 -0.98 28.66
N VAL C 227 9.22 -1.73 28.83
CA VAL C 227 8.24 -1.37 29.82
C VAL C 227 8.93 -1.24 31.17
N LYS C 228 9.68 -2.26 31.58
CA LYS C 228 10.35 -2.17 32.87
C LYS C 228 11.21 -0.91 32.94
N VAL C 229 11.85 -0.55 31.84
CA VAL C 229 12.68 0.65 31.83
C VAL C 229 11.83 1.90 31.93
N LEU C 230 10.86 2.02 31.01
CA LEU C 230 9.97 3.18 31.00
C LEU C 230 9.28 3.43 32.33
N ARG C 231 8.78 2.38 32.96
CA ARG C 231 8.13 2.54 34.23
C ARG C 231 9.04 3.26 35.21
N ALA C 232 10.27 2.78 35.32
CA ALA C 232 11.20 3.41 36.25
C ALA C 232 11.42 4.87 35.88
N GLU C 233 11.42 5.16 34.58
CA GLU C 233 11.64 6.52 34.13
C GLU C 233 10.42 7.41 34.35
N ARG C 234 9.24 6.88 34.06
CA ARG C 234 8.00 7.64 34.25
C ARG C 234 7.92 7.90 35.74
N GLU C 235 8.30 6.91 36.52
CA GLU C 235 8.31 7.02 37.96
C GLU C 235 9.15 8.23 38.36
N PHE C 236 10.37 8.31 37.83
CA PHE C 236 11.25 9.41 38.17
C PHE C 236 10.61 10.75 37.77
N LEU C 237 10.21 10.83 36.51
CA LEU C 237 9.58 12.02 35.99
C LEU C 237 8.39 12.43 36.83
N GLU C 238 7.47 11.52 37.07
CA GLU C 238 6.29 11.82 37.87
C GLU C 238 6.67 12.41 39.23
N GLU C 239 7.70 11.86 39.85
CA GLU C 239 8.16 12.33 41.16
C GLU C 239 8.76 13.74 41.09
N GLU C 240 9.71 13.94 40.18
CA GLU C 240 10.35 15.25 40.04
C GLU C 240 9.33 16.30 39.61
N ALA C 241 8.20 15.85 39.07
CA ALA C 241 7.14 16.74 38.63
C ALA C 241 6.22 17.08 39.80
N GLN C 242 6.10 16.14 40.73
CA GLN C 242 5.29 16.34 41.93
C GLN C 242 6.05 17.33 42.79
N LYS C 243 7.37 17.20 42.81
CA LYS C 243 8.23 18.09 43.57
C LYS C 243 8.12 19.49 43.00
N LEU C 244 8.26 19.62 41.68
CA LEU C 244 8.19 20.94 41.06
C LEU C 244 6.79 21.56 41.01
N TYR C 245 5.78 20.80 41.45
CA TYR C 245 4.41 21.30 41.44
C TYR C 245 4.18 21.97 42.80
N LYS C 246 4.49 21.24 43.86
CA LYS C 246 4.32 21.73 45.22
C LYS C 246 5.33 22.86 45.41
N GLU C 247 6.25 22.97 44.45
CA GLU C 247 7.29 23.98 44.50
C GLU C 247 6.94 25.22 43.70
N VAL C 248 5.84 25.18 42.97
CA VAL C 248 5.45 26.32 42.17
C VAL C 248 3.96 26.60 42.20
N LYS C 249 3.17 25.56 42.48
CA LYS C 249 1.72 25.70 42.56
C LYS C 249 1.37 26.39 43.86
N LYS C 250 0.91 27.64 43.77
CA LYS C 250 0.54 28.40 44.94
C LYS C 250 -0.90 28.90 44.80
N GLY C 251 -1.78 28.34 45.62
CA GLY C 251 -3.17 28.73 45.54
C GLY C 251 -3.80 28.17 44.27
N ASN C 252 -4.48 29.01 43.52
CA ASN C 252 -5.13 28.62 42.27
C ASN C 252 -4.23 29.10 41.19
N CYS C 253 -2.99 29.30 41.60
CA CYS C 253 -1.99 29.85 40.72
C CYS C 253 -0.66 29.05 40.58
N LEU C 254 0.11 29.50 39.59
CA LEU C 254 1.44 29.00 39.27
C LEU C 254 2.38 30.21 39.44
N ASP C 255 3.62 30.10 38.99
CA ASP C 255 4.61 31.13 39.16
C ASP C 255 5.49 31.12 37.92
N VAL C 256 5.19 31.94 36.93
CA VAL C 256 6.05 31.92 35.73
C VAL C 256 7.56 32.20 35.85
N LYS C 257 7.95 33.06 36.78
CA LYS C 257 9.36 33.39 36.93
C LYS C 257 10.10 32.17 37.42
N LYS C 258 9.45 31.39 38.27
CA LYS C 258 10.11 30.20 38.81
C LYS C 258 10.05 29.01 37.86
N LEU C 259 8.83 28.62 37.48
CA LEU C 259 8.63 27.49 36.58
C LEU C 259 9.34 27.71 35.24
N LYS C 260 9.32 28.94 34.76
CA LYS C 260 9.94 29.31 33.49
C LYS C 260 11.38 28.80 33.36
N GLU C 261 12.16 28.91 34.42
CA GLU C 261 13.56 28.48 34.39
C GLU C 261 13.73 26.96 34.52
N LYS C 262 12.63 26.23 34.67
CA LYS C 262 12.68 24.78 34.82
C LYS C 262 12.68 23.99 33.51
N PRO C 263 12.94 22.68 33.60
CA PRO C 263 12.98 21.78 32.44
C PRO C 263 11.61 21.61 31.78
N LEU C 264 11.58 21.77 30.47
CA LEU C 264 10.36 21.65 29.69
C LEU C 264 9.55 20.42 30.08
N ALA C 265 10.24 19.30 30.29
CA ALA C 265 9.58 18.05 30.65
C ALA C 265 8.71 18.21 31.87
N LEU C 266 9.26 18.87 32.91
CA LEU C 266 8.53 19.10 34.13
C LEU C 266 7.50 20.18 33.89
N GLN C 267 7.84 21.16 33.08
CA GLN C 267 6.91 22.22 32.78
C GLN C 267 5.62 21.57 32.35
N ARG C 268 5.70 20.81 31.26
CA ARG C 268 4.56 20.10 30.70
C ARG C 268 3.82 19.24 31.72
N ARG C 269 4.57 18.48 32.51
CA ARG C 269 3.97 17.64 33.54
C ARG C 269 3.14 18.52 34.45
N VAL C 270 3.75 19.63 34.84
CA VAL C 270 3.12 20.59 35.73
C VAL C 270 1.88 21.23 35.10
N ILE C 271 2.03 21.83 33.93
CA ILE C 271 0.91 22.45 33.25
C ILE C 271 -0.26 21.47 33.23
N ARG C 272 0.05 20.25 32.82
CA ARG C 272 -0.92 19.17 32.72
C ARG C 272 -1.65 18.93 34.03
N LYS C 273 -0.90 18.63 35.08
CA LYS C 273 -1.46 18.38 36.40
C LYS C 273 -2.29 19.58 36.81
N PHE C 274 -1.99 20.72 36.19
CA PHE C 274 -2.67 21.97 36.49
C PHE C 274 -3.99 22.11 35.72
N ILE C 275 -3.92 22.25 34.40
CA ILE C 275 -5.12 22.42 33.59
C ILE C 275 -6.08 21.24 33.55
N GLY C 276 -5.58 20.03 33.82
CA GLY C 276 -6.44 18.86 33.80
C GLY C 276 -6.34 18.07 32.50
N GLU C 277 -6.33 18.77 31.37
CA GLU C 277 -6.21 18.12 30.07
C GLU C 277 -4.79 17.57 29.94
N LYS C 278 -4.63 16.49 29.19
CA LYS C 278 -3.32 15.88 29.02
C LYS C 278 -2.84 15.86 27.57
N ASP C 279 -3.49 16.64 26.71
CA ASP C 279 -3.11 16.66 25.31
C ASP C 279 -2.14 17.79 24.95
N TYR C 280 -1.13 17.42 24.16
CA TYR C 280 -0.10 18.34 23.72
C TYR C 280 -0.56 19.79 23.48
N GLU C 281 -1.28 20.01 22.39
CA GLU C 281 -1.77 21.34 22.03
C GLU C 281 -2.31 22.17 23.20
N LYS C 282 -3.29 21.63 23.93
CA LYS C 282 -3.85 22.36 25.07
C LYS C 282 -2.79 22.62 26.14
N VAL C 283 -1.80 21.76 26.23
CA VAL C 283 -0.73 21.92 27.21
C VAL C 283 0.28 22.91 26.64
N GLU C 284 0.65 22.71 25.38
CA GLU C 284 1.60 23.59 24.71
C GLU C 284 0.96 24.91 24.35
N LEU C 285 -0.22 25.16 24.91
CA LEU C 285 -0.94 26.39 24.68
C LEU C 285 -0.75 27.20 25.97
N VAL C 286 -1.23 26.63 27.06
CA VAL C 286 -1.13 27.25 28.37
C VAL C 286 0.31 27.58 28.68
N ARG C 287 1.24 26.83 28.09
CA ARG C 287 2.66 27.02 28.33
C ARG C 287 3.22 28.29 27.71
N SER C 288 2.72 28.65 26.53
CA SER C 288 3.17 29.85 25.85
C SER C 288 3.09 31.09 26.75
N LEU C 289 2.17 31.06 27.72
CA LEU C 289 1.98 32.17 28.63
C LEU C 289 3.07 32.25 29.69
N LEU C 290 4.03 31.32 29.62
CA LEU C 290 5.12 31.31 30.58
C LEU C 290 6.21 32.31 30.17
N GLU C 291 5.90 33.09 29.15
CA GLU C 291 6.81 34.11 28.64
C GLU C 291 5.99 35.33 28.24
N LYS C 292 5.00 35.09 27.39
CA LYS C 292 4.10 36.11 26.89
C LYS C 292 2.96 36.34 27.88
N GLY C 293 1.98 37.15 27.49
CA GLY C 293 0.84 37.43 28.34
C GLY C 293 -0.44 37.14 27.59
N GLY C 294 -1.55 37.07 28.32
CA GLY C 294 -2.83 36.81 27.68
C GLY C 294 -3.72 35.90 28.52
N GLU C 295 -4.80 35.43 27.91
CA GLU C 295 -5.73 34.55 28.60
C GLU C 295 -5.86 33.18 27.96
N VAL C 296 -6.25 32.21 28.77
CA VAL C 296 -6.40 30.84 28.31
C VAL C 296 -7.85 30.42 28.11
N ASN C 297 -8.18 30.02 26.89
CA ASN C 297 -9.54 29.59 26.56
C ASN C 297 -9.51 28.15 26.05
N LEU C 298 -9.90 27.21 26.91
CA LEU C 298 -9.91 25.82 26.52
C LEU C 298 -11.26 25.38 25.97
N GLY C 299 -12.35 25.85 26.58
CA GLY C 299 -13.67 25.47 26.09
C GLY C 299 -14.79 25.42 27.11
N LYS C 300 -14.91 24.29 27.81
CA LYS C 300 -15.95 24.11 28.82
C LYS C 300 -15.93 25.19 29.90
N GLY C 301 -14.98 26.12 29.80
CA GLY C 301 -14.89 27.19 30.77
C GLY C 301 -13.53 27.33 31.44
N LYS C 302 -12.54 26.63 30.92
CA LYS C 302 -11.20 26.70 31.48
C LYS C 302 -10.50 27.98 31.03
N VAL C 303 -10.16 28.83 32.01
CA VAL C 303 -9.50 30.10 31.74
C VAL C 303 -8.38 30.42 32.73
N LEU C 304 -7.18 30.64 32.20
CA LEU C 304 -6.02 30.99 33.03
C LEU C 304 -5.47 32.34 32.61
N LYS C 305 -5.50 33.30 33.54
CA LYS C 305 -4.99 34.64 33.26
C LYS C 305 -3.67 34.87 34.02
N ARG C 306 -2.77 35.63 33.42
CA ARG C 306 -1.49 35.87 34.05
C ARG C 306 -1.08 37.31 34.35
N LYS C 307 -0.68 37.53 35.60
CA LYS C 307 -0.13 38.81 35.99
C LYS C 307 1.33 38.46 35.65
N GLU C 308 2.30 39.16 36.22
CA GLU C 308 3.69 38.90 35.88
C GLU C 308 4.45 37.67 36.37
N ARG C 309 4.12 37.23 37.56
CA ARG C 309 4.83 36.16 38.24
C ARG C 309 3.93 34.98 38.42
N TRP C 310 2.71 35.17 37.96
CA TRP C 310 1.61 34.28 38.19
C TRP C 310 0.76 33.76 37.05
N LEU C 311 0.41 32.49 37.13
CA LEU C 311 -0.46 31.88 36.14
C LEU C 311 -1.57 31.18 36.90
N CYS C 312 -2.77 31.73 36.80
CA CYS C 312 -3.93 31.20 37.51
C CYS C 312 -5.18 31.07 36.68
N PHE C 313 -6.22 30.52 37.30
CA PHE C 313 -7.52 30.39 36.64
C PHE C 313 -8.36 31.61 36.99
N SER C 314 -9.08 32.13 36.01
CA SER C 314 -9.94 33.29 36.23
C SER C 314 -11.16 32.85 37.05
N MET D 1 -2.47 26.37 0.09
CA MET D 1 -1.07 26.37 -0.40
C MET D 1 -0.82 25.20 -1.36
N ASN D 2 0.37 25.17 -1.95
CA ASN D 2 0.75 24.13 -2.90
C ASN D 2 1.78 23.17 -2.30
N PRO D 3 2.22 22.17 -3.08
CA PRO D 3 3.22 21.19 -2.60
C PRO D 3 4.58 21.77 -2.21
N GLU D 4 5.00 22.85 -2.85
CA GLU D 4 6.30 23.45 -2.52
C GLU D 4 6.21 24.21 -1.20
N SER D 5 5.16 25.00 -1.05
CA SER D 5 4.98 25.77 0.17
C SER D 5 4.78 24.86 1.37
N ARG D 6 4.05 23.77 1.19
CA ARG D 6 3.83 22.84 2.28
C ARG D 6 5.18 22.43 2.88
N VAL D 7 6.04 21.88 2.03
CA VAL D 7 7.35 21.45 2.48
C VAL D 7 8.22 22.61 2.98
N ILE D 8 8.40 23.64 2.16
CA ILE D 8 9.22 24.77 2.58
C ILE D 8 8.77 25.28 3.93
N ARG D 9 7.46 25.38 4.11
CA ARG D 9 6.92 25.87 5.36
C ARG D 9 7.32 24.97 6.52
N LYS D 10 7.18 23.65 6.33
CA LYS D 10 7.54 22.68 7.36
C LYS D 10 9.03 22.78 7.68
N VAL D 11 9.83 23.10 6.67
CA VAL D 11 11.25 23.23 6.88
C VAL D 11 11.48 24.49 7.70
N LEU D 12 10.94 25.62 7.25
CA LEU D 12 11.09 26.86 8.00
C LEU D 12 10.75 26.57 9.46
N ALA D 13 9.56 26.05 9.69
CA ALA D 13 9.14 25.72 11.05
C ALA D 13 10.27 25.09 11.83
N LEU D 14 11.01 24.18 11.18
CA LEU D 14 12.12 23.51 11.84
C LEU D 14 13.25 24.48 12.19
N GLN D 15 13.54 25.40 11.27
CA GLN D 15 14.60 26.38 11.50
C GLN D 15 14.24 27.17 12.74
N ASN D 16 12.99 27.62 12.78
CA ASN D 16 12.48 28.39 13.89
C ASN D 16 12.29 27.56 15.15
N ASP D 17 12.58 26.26 15.07
CA ASP D 17 12.41 25.39 16.23
C ASP D 17 13.68 24.75 16.73
N GLU D 18 14.60 24.43 15.83
CA GLU D 18 15.81 23.77 16.25
C GLU D 18 17.05 24.53 15.82
N LYS D 19 16.85 25.69 15.20
CA LYS D 19 17.98 26.47 14.73
C LYS D 19 18.92 25.54 13.98
N ILE D 20 18.38 24.91 12.94
CA ILE D 20 19.13 23.98 12.11
C ILE D 20 20.35 24.68 11.56
N PHE D 21 20.19 25.95 11.24
CA PHE D 21 21.31 26.73 10.74
C PHE D 21 21.50 28.00 11.56
N SER D 22 22.75 28.21 11.97
CA SER D 22 23.11 29.36 12.78
C SER D 22 24.56 29.74 12.52
N GLY D 23 24.81 30.34 11.36
CA GLY D 23 26.17 30.75 11.05
C GLY D 23 26.91 29.80 10.13
N GLU D 24 26.44 28.56 10.01
CA GLU D 24 27.11 27.62 9.12
C GLU D 24 27.21 28.34 7.79
N ARG D 25 28.31 28.13 7.07
CA ARG D 25 28.50 28.78 5.79
C ARG D 25 28.58 27.75 4.67
N ARG D 26 28.97 26.53 5.02
CA ARG D 26 29.10 25.46 4.04
C ARG D 26 28.43 24.17 4.50
N VAL D 27 27.35 23.80 3.83
CA VAL D 27 26.61 22.59 4.19
C VAL D 27 26.79 21.48 3.17
N LEU D 28 27.24 20.32 3.64
CA LEU D 28 27.45 19.15 2.81
C LEU D 28 26.20 18.27 2.92
N ILE D 29 25.61 17.91 1.79
CA ILE D 29 24.40 17.07 1.82
C ILE D 29 24.66 15.59 1.52
N ALA D 30 24.24 14.72 2.43
CA ALA D 30 24.39 13.29 2.24
C ALA D 30 23.35 12.98 1.16
N PHE D 31 23.83 12.91 -0.09
CA PHE D 31 22.98 12.69 -1.24
C PHE D 31 22.97 11.26 -1.75
N SER D 32 21.88 10.53 -1.51
CA SER D 32 21.81 9.14 -2.00
C SER D 32 21.15 9.11 -3.38
N GLY D 33 20.77 10.29 -3.88
CA GLY D 33 20.13 10.37 -5.17
C GLY D 33 18.63 10.16 -5.07
N GLY D 34 18.20 9.52 -3.98
CA GLY D 34 16.79 9.27 -3.77
C GLY D 34 15.87 10.47 -3.67
N VAL D 35 14.56 10.20 -3.69
CA VAL D 35 13.54 11.25 -3.62
C VAL D 35 13.88 12.24 -2.52
N ASP D 36 14.04 11.71 -1.32
CA ASP D 36 14.35 12.53 -0.15
C ASP D 36 15.53 13.46 -0.39
N SER D 37 16.73 12.90 -0.49
CA SER D 37 17.91 13.70 -0.71
C SER D 37 17.76 14.65 -1.90
N VAL D 38 16.87 14.34 -2.81
CA VAL D 38 16.65 15.21 -3.96
C VAL D 38 15.84 16.44 -3.54
N VAL D 39 14.70 16.20 -2.89
CA VAL D 39 13.88 17.28 -2.39
C VAL D 39 14.73 18.12 -1.43
N LEU D 40 15.38 17.44 -0.48
CA LEU D 40 16.20 18.12 0.48
C LEU D 40 17.12 19.10 -0.18
N THR D 41 17.77 18.65 -1.23
CA THR D 41 18.71 19.51 -1.93
C THR D 41 18.00 20.63 -2.66
N ASP D 42 16.76 20.36 -3.08
CA ASP D 42 15.98 21.39 -3.78
C ASP D 42 15.65 22.45 -2.73
N VAL D 43 15.14 22.00 -1.59
CA VAL D 43 14.79 22.92 -0.52
C VAL D 43 15.99 23.79 -0.16
N LEU D 44 17.07 23.16 0.26
CA LEU D 44 18.26 23.92 0.63
C LEU D 44 18.65 24.93 -0.42
N LEU D 45 19.01 24.48 -1.61
CA LEU D 45 19.42 25.42 -2.65
C LEU D 45 18.44 26.60 -2.75
N LYS D 46 17.16 26.36 -2.51
CA LYS D 46 16.19 27.46 -2.58
C LYS D 46 16.39 28.42 -1.41
N LEU D 47 16.35 27.90 -0.20
CA LEU D 47 16.53 28.71 1.00
C LEU D 47 18.02 28.96 1.26
N LYS D 48 18.81 28.84 0.20
CA LYS D 48 20.26 29.06 0.26
C LYS D 48 20.66 30.26 1.12
N ASN D 49 20.32 31.44 0.62
CA ASN D 49 20.65 32.67 1.33
C ASN D 49 19.83 32.86 2.59
N TYR D 50 18.52 32.64 2.50
CA TYR D 50 17.65 32.80 3.66
C TYR D 50 18.31 32.17 4.89
N PHE D 51 19.16 31.17 4.66
CA PHE D 51 19.86 30.50 5.74
C PHE D 51 21.27 31.03 5.86
N SER D 52 21.48 32.23 5.35
CA SER D 52 22.78 32.89 5.40
C SER D 52 23.90 31.94 4.96
N LEU D 53 23.56 31.03 4.05
CA LEU D 53 24.53 30.05 3.55
C LEU D 53 25.41 30.62 2.45
N LYS D 54 26.62 30.09 2.36
CA LYS D 54 27.56 30.55 1.35
C LYS D 54 27.90 29.46 0.35
N GLU D 55 27.42 28.25 0.60
CA GLU D 55 27.69 27.14 -0.29
C GLU D 55 27.06 25.83 0.16
N VAL D 56 26.55 25.07 -0.80
CA VAL D 56 25.95 23.78 -0.51
C VAL D 56 26.64 22.77 -1.41
N ALA D 57 26.91 21.59 -0.87
CA ALA D 57 27.58 20.54 -1.63
C ALA D 57 26.96 19.19 -1.31
N LEU D 58 27.10 18.24 -2.24
CA LEU D 58 26.54 16.91 -2.04
C LEU D 58 27.63 15.89 -1.79
N ALA D 59 27.24 14.75 -1.26
CA ALA D 59 28.18 13.67 -0.97
C ALA D 59 27.45 12.35 -1.20
N HIS D 60 27.94 11.55 -2.13
CA HIS D 60 27.30 10.28 -2.42
C HIS D 60 28.21 9.08 -2.20
N PHE D 61 27.88 8.27 -1.21
CA PHE D 61 28.67 7.09 -0.89
C PHE D 61 28.13 5.89 -1.67
N ASN D 62 28.99 5.31 -2.50
CA ASN D 62 28.61 4.16 -3.29
C ASN D 62 28.92 2.90 -2.50
N HIS D 63 27.89 2.17 -2.11
CA HIS D 63 28.05 0.94 -1.34
C HIS D 63 28.54 -0.24 -2.18
N MET D 64 28.23 -0.20 -3.47
CA MET D 64 28.61 -1.28 -4.37
C MET D 64 27.74 -2.50 -4.09
N LEU D 65 26.71 -2.30 -3.28
CA LEU D 65 25.81 -3.40 -2.95
C LEU D 65 24.85 -3.72 -4.07
N ARG D 66 24.05 -2.74 -4.48
CA ARG D 66 23.09 -2.96 -5.55
C ARG D 66 23.74 -2.81 -6.93
N GLU D 67 23.19 -3.51 -7.90
CA GLU D 67 23.71 -3.45 -9.25
C GLU D 67 23.57 -2.04 -9.78
N SER D 68 22.39 -1.46 -9.61
CA SER D 68 22.12 -0.11 -10.09
C SER D 68 23.12 0.93 -9.57
N ALA D 69 23.87 0.54 -8.54
CA ALA D 69 24.87 1.41 -7.91
C ALA D 69 25.66 2.34 -8.84
N GLU D 70 26.77 1.83 -9.38
CA GLU D 70 27.63 2.61 -10.26
C GLU D 70 26.83 3.40 -11.29
N ARG D 71 25.67 2.89 -11.66
CA ARG D 71 24.81 3.54 -12.64
C ARG D 71 24.13 4.78 -12.06
N ASP D 72 23.71 4.67 -10.80
CA ASP D 72 23.04 5.77 -10.11
C ASP D 72 24.04 6.81 -9.68
N GLU D 73 25.20 6.36 -9.19
CA GLU D 73 26.23 7.29 -8.75
C GLU D 73 26.43 8.36 -9.81
N GLU D 74 26.32 7.97 -11.07
CA GLU D 74 26.52 8.93 -12.14
C GLU D 74 25.35 9.91 -12.17
N PHE D 75 24.14 9.40 -11.96
CA PHE D 75 22.97 10.28 -11.95
C PHE D 75 23.22 11.44 -10.99
N CYS D 76 23.64 11.11 -9.79
CA CYS D 76 23.91 12.12 -8.78
C CYS D 76 24.87 13.14 -9.38
N LYS D 77 25.94 12.65 -10.00
CA LYS D 77 26.93 13.52 -10.62
C LYS D 77 26.23 14.46 -11.59
N GLU D 78 25.23 13.96 -12.29
CA GLU D 78 24.48 14.78 -13.24
C GLU D 78 23.65 15.79 -12.47
N PHE D 79 22.92 15.32 -11.47
CA PHE D 79 22.08 16.20 -10.66
C PHE D 79 22.88 17.39 -10.13
N ALA D 80 24.04 17.09 -9.58
CA ALA D 80 24.90 18.14 -9.04
C ALA D 80 25.23 19.14 -10.14
N LYS D 81 25.93 18.67 -11.16
CA LYS D 81 26.34 19.50 -12.29
C LYS D 81 25.26 20.48 -12.75
N GLU D 82 24.01 20.03 -12.74
CA GLU D 82 22.90 20.87 -13.20
C GLU D 82 22.55 21.97 -12.22
N ARG D 83 22.59 21.63 -10.93
CA ARG D 83 22.29 22.60 -9.90
C ARG D 83 23.51 23.47 -9.58
N ASN D 84 24.60 23.30 -10.34
CA ASN D 84 25.82 24.05 -10.13
C ASN D 84 26.39 23.86 -8.73
N MET D 85 26.49 22.62 -8.29
CA MET D 85 27.03 22.32 -6.96
C MET D 85 28.21 21.40 -7.10
N LYS D 86 29.04 21.35 -6.06
CA LYS D 86 30.17 20.45 -6.09
C LYS D 86 29.66 19.20 -5.43
N ILE D 87 30.04 18.05 -5.96
CA ILE D 87 29.61 16.80 -5.39
C ILE D 87 30.85 15.99 -5.06
N PHE D 88 30.93 15.52 -3.83
CA PHE D 88 32.07 14.73 -3.39
C PHE D 88 31.58 13.29 -3.26
N VAL D 89 32.15 12.40 -4.06
CA VAL D 89 31.73 11.00 -4.00
C VAL D 89 32.81 10.12 -3.40
N GLY D 90 32.38 9.00 -2.84
CA GLY D 90 33.30 8.05 -2.23
C GLY D 90 32.76 6.64 -2.41
N LYS D 91 33.63 5.66 -2.55
CA LYS D 91 33.19 4.29 -2.74
C LYS D 91 33.93 3.35 -1.80
N GLU D 92 33.25 2.29 -1.37
CA GLU D 92 33.86 1.33 -0.47
C GLU D 92 33.13 -0.03 -0.51
N ASP D 93 33.92 -1.10 -0.62
CA ASP D 93 33.41 -2.46 -0.67
C ASP D 93 32.79 -2.91 0.65
N VAL D 94 31.54 -2.50 0.87
CA VAL D 94 30.80 -2.81 2.08
C VAL D 94 30.90 -4.26 2.54
N ARG D 95 30.89 -5.20 1.59
CA ARG D 95 30.98 -6.61 1.94
C ARG D 95 32.34 -6.97 2.54
N ALA D 96 33.41 -6.59 1.85
CA ALA D 96 34.75 -6.88 2.34
C ALA D 96 34.96 -6.35 3.75
N PHE D 97 34.40 -5.18 4.04
CA PHE D 97 34.53 -4.59 5.37
C PHE D 97 33.53 -5.26 6.30
N ALA D 98 32.46 -5.81 5.71
CA ALA D 98 31.42 -6.48 6.47
C ALA D 98 31.95 -7.79 7.06
N LYS D 99 33.01 -8.32 6.45
CA LYS D 99 33.62 -9.57 6.90
C LYS D 99 34.71 -9.26 7.91
N GLU D 100 35.69 -8.47 7.47
CA GLU D 100 36.83 -8.09 8.29
C GLU D 100 36.45 -7.66 9.70
N ASN D 101 35.27 -7.07 9.86
CA ASN D 101 34.82 -6.61 11.17
C ASN D 101 33.58 -7.34 11.70
N ARG D 102 33.23 -8.45 11.08
CA ARG D 102 32.08 -9.25 11.51
C ARG D 102 30.84 -8.40 11.77
N MET D 103 30.12 -8.03 10.72
CA MET D 103 28.92 -7.21 10.88
C MET D 103 28.00 -7.28 9.68
N SER D 104 26.78 -6.78 9.85
CA SER D 104 25.76 -6.78 8.79
C SER D 104 26.02 -5.72 7.73
N LEU D 105 25.82 -6.10 6.47
CA LEU D 105 26.03 -5.19 5.34
C LEU D 105 25.38 -3.82 5.49
N GLU D 106 24.43 -3.71 6.42
CA GLU D 106 23.75 -2.44 6.64
C GLU D 106 24.60 -1.57 7.56
N GLU D 107 24.62 -1.94 8.84
CA GLU D 107 25.36 -1.23 9.86
C GLU D 107 26.79 -0.91 9.43
N ALA D 108 27.36 -1.75 8.57
CA ALA D 108 28.71 -1.55 8.09
C ALA D 108 28.76 -0.45 7.03
N GLY D 109 27.83 -0.54 6.07
CA GLY D 109 27.76 0.43 5.00
C GLY D 109 27.39 1.81 5.50
N ARG D 110 26.39 1.88 6.37
CA ARG D 110 25.96 3.17 6.93
C ARG D 110 27.17 3.77 7.64
N PHE D 111 28.01 2.92 8.21
CA PHE D 111 29.22 3.36 8.92
C PHE D 111 30.22 4.00 7.97
N LEU D 112 30.66 3.22 6.98
CA LEU D 112 31.63 3.74 6.02
C LEU D 112 31.12 5.04 5.44
N ARG D 113 29.80 5.14 5.28
CA ARG D 113 29.16 6.33 4.72
C ARG D 113 29.40 7.56 5.58
N TYR D 114 29.05 7.46 6.86
CA TYR D 114 29.24 8.57 7.79
C TYR D 114 30.73 8.80 8.00
N LYS D 115 31.51 7.71 8.00
CA LYS D 115 32.95 7.77 8.17
C LYS D 115 33.49 8.60 7.00
N PHE D 116 32.96 8.31 5.83
CA PHE D 116 33.31 9.00 4.59
C PHE D 116 32.98 10.48 4.69
N LEU D 117 31.70 10.79 4.89
CA LEU D 117 31.23 12.16 5.01
C LEU D 117 32.09 12.96 6.00
N LYS D 118 32.37 12.36 7.14
CA LYS D 118 33.18 13.01 8.16
C LYS D 118 34.52 13.42 7.58
N GLU D 119 35.11 12.52 6.78
CA GLU D 119 36.39 12.80 6.14
C GLU D 119 36.28 14.06 5.28
N ILE D 120 35.38 14.00 4.31
CA ILE D 120 35.15 15.12 3.40
C ILE D 120 34.90 16.40 4.18
N LEU D 121 34.01 16.30 5.16
CA LEU D 121 33.62 17.42 6.00
C LEU D 121 34.77 18.19 6.64
N GLU D 122 35.80 17.47 7.07
CA GLU D 122 36.94 18.10 7.72
C GLU D 122 38.07 18.44 6.73
N SER D 123 38.16 17.67 5.66
CA SER D 123 39.19 17.90 4.66
C SER D 123 38.81 19.01 3.67
N GLU D 124 37.55 19.43 3.68
CA GLU D 124 37.11 20.49 2.77
C GLU D 124 36.45 21.69 3.45
N GLY D 125 36.56 21.75 4.78
CA GLY D 125 36.00 22.87 5.53
C GLY D 125 34.51 23.07 5.57
N PHE D 126 33.74 21.99 5.49
CA PHE D 126 32.29 22.11 5.56
C PHE D 126 31.92 22.11 7.03
N ASP D 127 30.92 22.91 7.37
CA ASP D 127 30.49 23.04 8.75
C ASP D 127 29.48 22.01 9.22
N CYS D 128 28.77 21.37 8.28
CA CYS D 128 27.78 20.37 8.67
C CYS D 128 27.29 19.50 7.53
N ILE D 129 26.66 18.39 7.89
CA ILE D 129 26.12 17.44 6.94
C ILE D 129 24.59 17.46 7.00
N ALA D 130 23.96 17.74 5.86
CA ALA D 130 22.51 17.75 5.80
C ALA D 130 22.04 16.39 5.32
N THR D 131 21.19 15.76 6.13
CA THR D 131 20.64 14.46 5.81
C THR D 131 19.18 14.60 5.34
N ALA D 132 18.73 13.68 4.50
CA ALA D 132 17.37 13.73 3.98
C ALA D 132 16.34 12.98 4.83
N HIS D 133 16.75 12.54 6.01
CA HIS D 133 15.83 11.81 6.90
C HIS D 133 14.57 12.61 7.06
N HIS D 134 13.44 11.92 7.24
CA HIS D 134 12.18 12.64 7.38
C HIS D 134 11.26 12.03 8.43
N LEU D 135 10.12 12.67 8.61
CA LEU D 135 9.15 12.24 9.58
C LEU D 135 8.75 10.77 9.47
N ASN D 136 8.63 10.26 8.25
CA ASN D 136 8.24 8.86 8.15
C ASN D 136 9.40 7.97 8.50
N ASP D 137 10.61 8.52 8.42
CA ASP D 137 11.79 7.75 8.78
C ASP D 137 11.86 7.70 10.29
N LEU D 138 11.46 8.79 10.93
CA LEU D 138 11.48 8.81 12.37
C LEU D 138 10.54 7.70 12.83
N LEU D 139 9.29 7.77 12.36
CA LEU D 139 8.25 6.79 12.69
C LEU D 139 8.71 5.34 12.54
N GLU D 140 9.37 5.07 11.43
CA GLU D 140 9.84 3.73 11.15
C GLU D 140 10.98 3.30 12.07
N THR D 141 11.97 4.18 12.22
CA THR D 141 13.10 3.89 13.09
C THR D 141 12.61 3.67 14.49
N SER D 142 11.59 4.44 14.85
CA SER D 142 11.03 4.31 16.18
C SER D 142 10.38 2.94 16.34
N LEU D 143 9.43 2.62 15.45
CA LEU D 143 8.75 1.33 15.49
C LEU D 143 9.77 0.20 15.46
N LEU D 144 10.82 0.39 14.66
CA LEU D 144 11.85 -0.63 14.57
C LEU D 144 12.46 -0.81 15.98
N PHE D 145 12.88 0.29 16.62
CA PHE D 145 13.45 0.17 17.96
C PHE D 145 12.40 -0.42 18.90
N PHE D 146 11.17 0.05 18.80
CA PHE D 146 10.09 -0.47 19.63
C PHE D 146 10.04 -2.00 19.48
N THR D 147 10.25 -2.48 18.26
CA THR D 147 10.22 -3.92 18.01
C THR D 147 11.45 -4.67 18.52
N ARG D 148 12.65 -4.15 18.25
CA ARG D 148 13.84 -4.85 18.70
C ARG D 148 14.10 -4.75 20.20
N GLY D 149 13.73 -3.62 20.77
CA GLY D 149 13.95 -3.43 22.20
C GLY D 149 14.67 -2.11 22.37
N THR D 150 14.22 -1.31 23.34
CA THR D 150 14.85 -0.02 23.55
C THR D 150 14.26 0.74 24.71
N GLY D 151 14.68 2.01 24.78
CA GLY D 151 14.20 2.93 25.79
C GLY D 151 13.81 4.18 25.03
N LEU D 152 13.82 5.32 25.71
CA LEU D 152 13.46 6.57 25.07
C LEU D 152 14.37 6.91 23.91
N ASP D 153 15.66 6.70 24.10
CA ASP D 153 16.65 7.01 23.08
C ASP D 153 16.18 6.40 21.77
N GLY D 154 15.69 5.16 21.84
CA GLY D 154 15.21 4.48 20.65
C GLY D 154 13.89 5.05 20.16
N LEU D 155 12.93 5.21 21.07
CA LEU D 155 11.63 5.74 20.70
C LEU D 155 11.75 7.11 20.05
N ILE D 156 12.70 7.91 20.51
CA ILE D 156 12.90 9.25 19.99
C ILE D 156 13.45 9.27 18.59
N GLY D 157 14.44 8.42 18.33
CA GLY D 157 15.03 8.37 17.02
C GLY D 157 15.74 9.66 16.70
N PHE D 158 16.61 9.64 15.69
CA PHE D 158 17.37 10.80 15.30
C PHE D 158 16.72 12.15 15.59
N LEU D 159 17.55 13.10 16.01
CA LEU D 159 17.10 14.46 16.30
C LEU D 159 17.37 15.33 15.08
N PRO D 160 16.62 16.43 14.94
CA PRO D 160 16.79 17.33 13.80
C PRO D 160 18.22 17.84 13.60
N LYS D 161 18.88 18.18 14.70
CA LYS D 161 20.25 18.69 14.67
C LYS D 161 20.99 17.83 15.67
N GLU D 162 22.14 17.31 15.27
CA GLU D 162 22.92 16.44 16.15
C GLU D 162 24.39 16.40 15.76
N GLU D 163 25.26 16.80 16.68
CA GLU D 163 26.69 16.84 16.39
C GLU D 163 26.85 17.59 15.08
N VAL D 164 27.47 16.97 14.09
CA VAL D 164 27.69 17.65 12.82
C VAL D 164 26.62 17.35 11.77
N ILE D 165 25.50 16.78 12.20
CA ILE D 165 24.42 16.43 11.27
C ILE D 165 23.17 17.30 11.46
N ARG D 166 22.46 17.52 10.34
CA ARG D 166 21.25 18.32 10.33
C ARG D 166 20.22 17.62 9.44
N ARG D 167 19.01 17.49 9.94
CA ARG D 167 17.95 16.83 9.19
C ARG D 167 16.80 17.82 8.93
N PRO D 168 16.97 18.72 7.96
CA PRO D 168 16.02 19.75 7.56
C PRO D 168 14.59 19.30 7.26
N LEU D 169 14.44 18.04 6.84
CA LEU D 169 13.11 17.50 6.49
C LEU D 169 12.42 16.79 7.65
N TYR D 170 12.99 16.93 8.85
CA TYR D 170 12.45 16.31 10.06
C TYR D 170 10.92 16.35 10.19
N TYR D 171 10.31 17.52 10.05
CA TYR D 171 8.85 17.64 10.17
C TYR D 171 8.07 17.16 8.97
N VAL D 172 8.78 17.01 7.86
CA VAL D 172 8.19 16.59 6.59
C VAL D 172 7.87 15.11 6.51
N LYS D 173 6.69 14.78 6.02
CA LYS D 173 6.32 13.37 5.88
C LYS D 173 6.64 12.90 4.46
N ARG D 174 6.96 11.61 4.33
CA ARG D 174 7.31 11.03 3.04
C ARG D 174 6.36 11.38 1.92
N SER D 175 5.05 11.34 2.19
CA SER D 175 4.07 11.65 1.15
C SER D 175 4.27 13.04 0.58
N GLU D 176 4.50 14.01 1.45
CA GLU D 176 4.71 15.40 1.01
C GLU D 176 6.02 15.52 0.25
N ILE D 177 7.01 14.73 0.66
CA ILE D 177 8.30 14.74 -0.02
C ILE D 177 8.03 14.33 -1.47
N GLU D 178 7.25 13.25 -1.62
CA GLU D 178 6.90 12.71 -2.93
C GLU D 178 6.08 13.69 -3.75
N GLU D 179 5.18 14.42 -3.11
CA GLU D 179 4.40 15.39 -3.86
C GLU D 179 5.28 16.56 -4.28
N TYR D 180 6.09 17.05 -3.35
CA TYR D 180 6.98 18.16 -3.63
C TYR D 180 7.76 17.84 -4.91
N ALA D 181 8.43 16.70 -4.90
CA ALA D 181 9.23 16.25 -6.04
C ALA D 181 8.40 16.18 -7.32
N LYS D 182 7.18 15.65 -7.20
CA LYS D 182 6.29 15.52 -8.34
C LYS D 182 5.86 16.90 -8.82
N PHE D 183 5.47 17.76 -7.89
CA PHE D 183 5.01 19.10 -8.22
C PHE D 183 6.07 20.00 -8.87
N LYS D 184 7.34 19.61 -8.79
CA LYS D 184 8.38 20.42 -9.39
C LYS D 184 9.20 19.69 -10.43
N GLY D 185 8.67 18.56 -10.89
CA GLY D 185 9.36 17.78 -11.90
C GLY D 185 10.81 17.47 -11.55
N LEU D 186 11.02 16.74 -10.46
CA LEU D 186 12.37 16.36 -10.05
C LEU D 186 12.67 14.93 -10.41
N ARG D 187 13.96 14.63 -10.58
CA ARG D 187 14.39 13.28 -10.91
C ARG D 187 15.12 12.68 -9.74
N TRP D 188 14.87 11.41 -9.47
CA TRP D 188 15.52 10.74 -8.37
C TRP D 188 15.89 9.30 -8.70
N VAL D 189 16.22 8.54 -7.68
CA VAL D 189 16.63 7.16 -7.88
C VAL D 189 15.55 6.15 -7.51
N GLU D 190 15.52 5.04 -8.25
CA GLU D 190 14.56 3.97 -7.98
C GLU D 190 14.75 3.63 -6.52
N ASP D 191 13.65 3.54 -5.80
CA ASP D 191 13.67 3.22 -4.39
C ASP D 191 14.16 1.76 -4.24
N GLU D 192 14.16 1.05 -5.37
CA GLU D 192 14.60 -0.34 -5.56
C GLU D 192 14.77 -1.32 -4.39
N THR D 193 13.83 -1.32 -3.45
CA THR D 193 13.84 -2.24 -2.30
C THR D 193 12.44 -2.09 -1.69
N ASN D 194 11.66 -1.24 -2.35
CA ASN D 194 10.29 -0.86 -2.00
C ASN D 194 9.28 -2.00 -1.79
N TYR D 195 9.72 -3.25 -1.85
CA TYR D 195 8.80 -4.37 -1.67
C TYR D 195 9.33 -5.41 -0.70
N GLU D 196 10.64 -5.42 -0.50
CA GLU D 196 11.31 -6.39 0.36
C GLU D 196 10.88 -6.39 1.84
N VAL D 197 9.68 -6.91 2.09
CA VAL D 197 9.12 -7.01 3.42
C VAL D 197 10.09 -7.77 4.33
N SER D 198 11.02 -8.48 3.72
CA SER D 198 12.01 -9.24 4.46
C SER D 198 12.95 -8.32 5.25
N ILE D 199 13.07 -7.08 4.79
CA ILE D 199 13.89 -6.07 5.46
C ILE D 199 12.96 -5.50 6.52
N PRO D 200 13.32 -5.65 7.82
CA PRO D 200 12.51 -5.14 8.92
C PRO D 200 11.89 -3.76 8.66
N ARG D 201 12.74 -2.78 8.39
CA ARG D 201 12.28 -1.43 8.13
C ARG D 201 11.12 -1.40 7.14
N ASN D 202 11.22 -2.18 6.06
CA ASN D 202 10.16 -2.21 5.04
C ASN D 202 8.92 -2.92 5.56
N ARG D 203 9.12 -3.98 6.33
CA ARG D 203 8.01 -4.70 6.90
C ARG D 203 7.24 -3.67 7.70
N ILE D 204 7.96 -2.80 8.39
CA ILE D 204 7.32 -1.76 9.17
C ILE D 204 6.65 -0.79 8.21
N ARG D 205 7.42 -0.33 7.25
CA ARG D 205 6.91 0.62 6.27
C ARG D 205 5.62 0.19 5.57
N HIS D 206 5.66 -1.00 4.95
CA HIS D 206 4.53 -1.51 4.18
C HIS D 206 3.49 -2.36 4.85
N ARG D 207 3.83 -3.08 5.91
CA ARG D 207 2.80 -3.86 6.58
C ARG D 207 2.28 -3.13 7.79
N VAL D 208 3.16 -2.95 8.77
CA VAL D 208 2.79 -2.30 10.00
C VAL D 208 2.10 -0.94 9.88
N ILE D 209 2.85 0.08 9.45
CA ILE D 209 2.29 1.43 9.33
C ILE D 209 0.91 1.47 8.68
N PRO D 210 0.78 0.93 7.46
CA PRO D 210 -0.49 0.92 6.75
C PRO D 210 -1.65 0.41 7.61
N GLU D 211 -1.39 -0.61 8.41
CA GLU D 211 -2.41 -1.16 9.30
C GLU D 211 -2.70 -0.17 10.40
N LEU D 212 -1.63 0.33 11.02
CA LEU D 212 -1.79 1.31 12.09
C LEU D 212 -2.63 2.47 11.54
N LYS D 213 -2.39 2.83 10.28
CA LYS D 213 -3.15 3.91 9.67
C LYS D 213 -4.63 3.60 9.43
N ARG D 214 -5.07 2.38 9.75
CA ARG D 214 -6.48 2.08 9.59
C ARG D 214 -7.14 2.38 10.91
N ILE D 215 -6.32 2.71 11.89
CA ILE D 215 -6.79 3.04 13.22
C ILE D 215 -6.63 4.55 13.36
N ASN D 216 -5.51 5.05 12.88
CA ASN D 216 -5.23 6.47 12.94
C ASN D 216 -4.59 6.95 11.65
N GLU D 217 -5.41 7.46 10.75
CA GLU D 217 -4.93 7.96 9.47
C GLU D 217 -3.82 9.01 9.64
N ASN D 218 -3.86 9.77 10.74
CA ASN D 218 -2.85 10.81 11.01
C ASN D 218 -1.73 10.37 11.94
N LEU D 219 -1.17 9.21 11.65
CA LEU D 219 -0.09 8.63 12.43
C LEU D 219 1.14 9.54 12.57
N GLU D 220 1.68 9.98 11.43
CA GLU D 220 2.86 10.84 11.45
C GLU D 220 2.70 12.04 12.36
N ASP D 221 1.57 12.74 12.22
CA ASP D 221 1.31 13.92 13.04
C ASP D 221 1.23 13.51 14.50
N THR D 222 0.47 12.45 14.74
CA THR D 222 0.31 11.91 16.07
C THR D 222 1.68 11.58 16.66
N PHE D 223 2.42 10.76 15.94
CA PHE D 223 3.74 10.30 16.33
C PHE D 223 4.70 11.44 16.61
N LEU D 224 4.66 12.47 15.77
CA LEU D 224 5.57 13.60 15.95
C LEU D 224 5.40 14.27 17.30
N LYS D 225 4.15 14.45 17.71
CA LYS D 225 3.86 15.05 18.98
C LYS D 225 4.51 14.22 20.08
N MET D 226 4.44 12.91 19.95
CA MET D 226 5.02 12.03 20.97
C MET D 226 6.54 12.19 21.09
N VAL D 227 7.21 12.31 19.96
CA VAL D 227 8.65 12.46 19.99
C VAL D 227 8.98 13.73 20.75
N LYS D 228 8.40 14.85 20.32
CA LYS D 228 8.63 16.11 20.97
C LYS D 228 8.50 15.96 22.48
N VAL D 229 7.46 15.28 22.91
CA VAL D 229 7.27 15.09 24.33
C VAL D 229 8.39 14.22 24.89
N LEU D 230 8.62 13.08 24.26
CA LEU D 230 9.65 12.18 24.73
C LEU D 230 11.04 12.81 24.70
N ARG D 231 11.33 13.60 23.68
CA ARG D 231 12.64 14.23 23.58
C ARG D 231 12.96 15.03 24.83
N ALA D 232 12.02 15.87 25.23
CA ALA D 232 12.17 16.70 26.42
C ALA D 232 12.27 15.81 27.65
N GLU D 233 11.43 14.80 27.72
CA GLU D 233 11.46 13.90 28.87
C GLU D 233 12.80 13.19 28.94
N ARG D 234 13.45 13.07 27.79
CA ARG D 234 14.73 12.41 27.69
C ARG D 234 15.84 13.39 28.08
N GLU D 235 15.72 14.61 27.59
CA GLU D 235 16.69 15.66 27.88
C GLU D 235 16.84 15.71 29.40
N PHE D 236 15.70 15.77 30.07
CA PHE D 236 15.68 15.82 31.52
C PHE D 236 16.42 14.63 32.10
N LEU D 237 16.03 13.43 31.70
CA LEU D 237 16.70 12.22 32.20
C LEU D 237 18.21 12.31 31.98
N GLU D 238 18.61 12.71 30.77
CA GLU D 238 20.02 12.84 30.44
C GLU D 238 20.70 13.75 31.45
N GLU D 239 20.19 14.98 31.58
CA GLU D 239 20.77 15.95 32.50
C GLU D 239 20.97 15.38 33.90
N GLU D 240 19.90 14.91 34.51
CA GLU D 240 19.98 14.34 35.84
C GLU D 240 20.96 13.17 35.88
N ALA D 241 21.01 12.41 34.79
CA ALA D 241 21.86 11.24 34.69
C ALA D 241 23.34 11.57 34.84
N GLN D 242 23.77 12.70 34.25
CA GLN D 242 25.15 13.11 34.34
C GLN D 242 25.46 13.79 35.67
N LYS D 243 24.57 14.67 36.11
CA LYS D 243 24.78 15.33 37.39
C LYS D 243 25.04 14.26 38.45
N LEU D 244 24.56 13.05 38.18
CA LEU D 244 24.73 11.96 39.13
C LEU D 244 25.99 11.19 38.78
N TYR D 245 26.34 11.16 37.50
CA TYR D 245 27.55 10.46 37.07
C TYR D 245 28.76 11.22 37.60
N LYS D 246 28.87 12.50 37.24
CA LYS D 246 29.98 13.33 37.70
C LYS D 246 29.74 13.68 39.17
N GLU D 247 29.45 12.66 39.97
CA GLU D 247 29.17 12.85 41.40
C GLU D 247 29.33 11.52 42.12
N VAL D 248 29.12 10.44 41.38
CA VAL D 248 29.21 9.08 41.90
C VAL D 248 30.53 8.42 41.50
N LYS D 249 31.04 8.84 40.34
CA LYS D 249 32.29 8.31 39.84
C LYS D 249 33.47 9.10 40.37
N LYS D 250 34.38 8.41 41.04
CA LYS D 250 35.59 9.02 41.57
C LYS D 250 36.72 8.13 41.05
N GLY D 251 37.60 8.70 40.25
CA GLY D 251 38.67 7.93 39.69
C GLY D 251 38.07 7.06 38.59
N ASN D 252 38.22 5.75 38.70
CA ASN D 252 37.66 4.86 37.69
C ASN D 252 36.64 3.89 38.27
N CYS D 253 35.98 4.29 39.36
CA CYS D 253 34.97 3.45 39.98
C CYS D 253 33.68 4.24 40.20
N LEU D 254 32.75 3.63 40.93
CA LEU D 254 31.48 4.24 41.25
C LEU D 254 31.20 4.02 42.72
N ASP D 255 30.73 5.06 43.40
CA ASP D 255 30.43 4.97 44.81
C ASP D 255 29.08 4.30 45.04
N VAL D 256 29.09 2.98 45.21
CA VAL D 256 27.87 2.23 45.42
C VAL D 256 26.92 3.02 46.33
N LYS D 257 27.30 3.16 47.59
CA LYS D 257 26.47 3.88 48.56
C LYS D 257 25.76 5.09 47.97
N LYS D 258 26.48 5.91 47.21
CA LYS D 258 25.87 7.10 46.60
C LYS D 258 24.90 6.75 45.48
N LEU D 259 25.30 5.80 44.63
CA LEU D 259 24.45 5.40 43.51
C LEU D 259 23.36 4.43 43.95
N LYS D 260 23.66 3.60 44.95
CA LYS D 260 22.71 2.61 45.45
C LYS D 260 21.36 3.20 45.85
N GLU D 261 21.37 4.31 46.58
CA GLU D 261 20.12 4.91 47.01
C GLU D 261 19.59 5.97 46.04
N LYS D 262 19.95 5.85 44.78
CA LYS D 262 19.49 6.80 43.77
C LYS D 262 18.39 6.17 42.90
N PRO D 263 17.51 7.00 42.31
CA PRO D 263 16.40 6.54 41.45
C PRO D 263 16.81 5.48 40.43
N LEU D 264 16.07 4.37 40.42
CA LEU D 264 16.36 3.27 39.50
C LEU D 264 16.62 3.75 38.07
N ALA D 265 15.85 4.72 37.62
CA ALA D 265 15.99 5.26 36.27
C ALA D 265 17.35 5.92 36.10
N LEU D 266 17.83 6.57 37.14
CA LEU D 266 19.13 7.24 37.10
C LEU D 266 20.22 6.20 37.32
N GLN D 267 19.95 5.22 38.18
CA GLN D 267 20.91 4.16 38.45
C GLN D 267 21.31 3.55 37.11
N ARG D 268 20.32 3.26 36.28
CA ARG D 268 20.57 2.66 34.97
C ARG D 268 21.30 3.62 34.07
N ARG D 269 20.76 4.83 33.92
CA ARG D 269 21.38 5.84 33.07
C ARG D 269 22.87 5.92 33.32
N VAL D 270 23.24 5.95 34.61
CA VAL D 270 24.62 6.04 35.04
C VAL D 270 25.43 4.79 34.68
N ILE D 271 25.06 3.65 35.26
CA ILE D 271 25.74 2.40 34.96
C ILE D 271 26.02 2.31 33.45
N ARG D 272 25.03 2.70 32.64
CA ARG D 272 25.18 2.67 31.18
C ARG D 272 26.32 3.56 30.70
N LYS D 273 26.46 4.75 31.29
CA LYS D 273 27.52 5.67 30.92
C LYS D 273 28.87 5.06 31.30
N PHE D 274 28.91 4.51 32.51
CA PHE D 274 30.10 3.88 33.07
C PHE D 274 30.52 2.69 32.22
N ILE D 275 29.87 1.55 32.42
CA ILE D 275 30.19 0.33 31.70
C ILE D 275 30.17 0.53 30.18
N GLY D 276 29.51 1.57 29.72
CA GLY D 276 29.48 1.82 28.29
C GLY D 276 28.68 0.85 27.45
N GLU D 277 27.63 0.28 28.02
CA GLU D 277 26.78 -0.65 27.29
C GLU D 277 25.32 -0.24 27.47
N LYS D 278 24.54 -0.27 26.39
CA LYS D 278 23.14 0.10 26.46
C LYS D 278 22.21 -1.10 26.71
N ASP D 279 22.74 -2.32 26.58
CA ASP D 279 21.94 -3.52 26.78
C ASP D 279 21.28 -3.66 28.16
N TYR D 280 19.97 -3.85 28.15
CA TYR D 280 19.21 -3.99 29.38
C TYR D 280 19.83 -4.93 30.42
N GLU D 281 20.03 -6.20 30.06
CA GLU D 281 20.59 -7.19 30.99
C GLU D 281 21.99 -6.86 31.51
N LYS D 282 22.90 -6.52 30.60
CA LYS D 282 24.26 -6.20 31.02
C LYS D 282 24.18 -5.14 32.10
N VAL D 283 23.32 -4.15 31.88
CA VAL D 283 23.14 -3.07 32.83
C VAL D 283 22.53 -3.60 34.12
N GLU D 284 21.59 -4.54 34.00
CA GLU D 284 20.98 -5.09 35.20
C GLU D 284 21.99 -5.99 35.87
N LEU D 285 22.77 -6.69 35.06
CA LEU D 285 23.79 -7.59 35.58
C LEU D 285 24.72 -6.75 36.46
N VAL D 286 25.23 -5.67 35.91
CA VAL D 286 26.13 -4.78 36.64
C VAL D 286 25.46 -4.01 37.78
N ARG D 287 24.22 -3.59 37.57
CA ARG D 287 23.50 -2.85 38.60
C ARG D 287 23.30 -3.71 39.84
N SER D 288 23.11 -5.00 39.64
CA SER D 288 22.89 -5.90 40.77
C SER D 288 24.10 -5.86 41.71
N LEU D 289 25.25 -5.46 41.18
CA LEU D 289 26.46 -5.38 41.97
C LEU D 289 26.37 -4.26 42.99
N LEU D 290 25.39 -3.37 42.83
CA LEU D 290 25.22 -2.28 43.78
C LEU D 290 24.66 -2.86 45.07
N GLU D 291 24.37 -4.15 45.05
CA GLU D 291 23.83 -4.86 46.20
C GLU D 291 24.73 -6.05 46.47
N LYS D 292 24.70 -7.01 45.55
CA LYS D 292 25.49 -8.22 45.62
C LYS D 292 26.97 -7.86 45.60
N GLY D 293 27.84 -8.87 45.69
CA GLY D 293 29.27 -8.62 45.66
C GLY D 293 29.95 -9.53 44.65
N GLY D 294 31.23 -9.29 44.44
CA GLY D 294 31.96 -10.11 43.49
C GLY D 294 32.19 -9.44 42.16
N GLU D 295 32.02 -10.19 41.08
CA GLU D 295 32.26 -9.66 39.74
C GLU D 295 31.20 -10.06 38.71
N VAL D 296 31.28 -9.42 37.55
CA VAL D 296 30.38 -9.66 36.43
C VAL D 296 31.19 -9.66 35.15
N ASN D 297 30.97 -10.64 34.29
CA ASN D 297 31.68 -10.71 33.03
C ASN D 297 30.68 -10.35 31.92
N LEU D 298 30.92 -9.23 31.25
CA LEU D 298 30.02 -8.79 30.20
C LEU D 298 30.40 -9.26 28.82
N GLY D 299 31.58 -9.85 28.68
CA GLY D 299 31.97 -10.36 27.37
C GLY D 299 33.23 -9.83 26.69
N LYS D 300 33.08 -8.77 25.89
CA LYS D 300 34.21 -8.21 25.19
C LYS D 300 35.27 -7.61 26.13
N GLY D 301 35.92 -8.48 26.89
CA GLY D 301 36.94 -8.04 27.81
C GLY D 301 36.34 -7.14 28.86
N LYS D 302 35.01 -7.03 28.81
CA LYS D 302 34.28 -6.20 29.75
C LYS D 302 33.88 -6.98 30.98
N VAL D 303 34.40 -6.54 32.11
CA VAL D 303 34.13 -7.17 33.39
C VAL D 303 34.33 -6.14 34.50
N LEU D 304 33.55 -6.29 35.58
CA LEU D 304 33.63 -5.38 36.71
C LEU D 304 33.52 -6.14 38.01
N LYS D 305 34.24 -5.68 39.02
CA LYS D 305 34.21 -6.29 40.33
C LYS D 305 33.94 -5.23 41.40
N ARG D 306 33.32 -5.65 42.49
CA ARG D 306 33.02 -4.74 43.57
C ARG D 306 34.13 -4.81 44.61
N LYS D 307 34.35 -3.71 45.31
CA LYS D 307 35.37 -3.62 46.34
C LYS D 307 34.84 -2.67 47.42
N GLU D 308 34.03 -3.23 48.33
CA GLU D 308 33.42 -2.45 49.40
C GLU D 308 32.49 -1.42 48.79
N ARG D 309 32.64 -0.15 49.18
CA ARG D 309 31.79 0.90 48.64
C ARG D 309 32.35 1.38 47.30
N TRP D 310 32.88 0.46 46.51
CA TRP D 310 33.43 0.81 45.21
C TRP D 310 33.22 -0.26 44.15
N LEU D 311 32.71 0.16 43.01
CA LEU D 311 32.48 -0.76 41.90
C LEU D 311 33.49 -0.33 40.84
N CYS D 312 34.34 -1.24 40.42
CA CYS D 312 35.34 -0.91 39.42
C CYS D 312 35.59 -2.04 38.43
N PHE D 313 36.24 -1.73 37.32
CA PHE D 313 36.54 -2.74 36.31
C PHE D 313 37.67 -3.63 36.82
N SER D 314 38.04 -4.64 36.02
CA SER D 314 39.12 -5.56 36.41
C SER D 314 39.62 -6.37 35.22
PG ANP E . 5.44 8.92 -27.80
O1G ANP E . 4.14 8.74 -28.49
O2G ANP E . 6.36 10.00 -28.58
O3G ANP E . 6.22 7.51 -27.68
PB ANP E . 6.67 9.64 -25.42
O1B ANP E . 7.08 11.06 -25.60
O2B ANP E . 6.41 9.13 -24.05
N3B ANP E . 5.29 9.44 -26.27
PA ANP E . 9.13 9.41 -26.73
O1A ANP E . 8.68 10.16 -27.92
O2A ANP E . 9.83 10.14 -25.65
O3A ANP E . 7.80 8.71 -26.10
O5' ANP E . 10.01 8.12 -27.13
C5' ANP E . 11.13 8.19 -28.01
C4' ANP E . 10.73 8.32 -29.47
O4' ANP E . 10.28 9.64 -29.85
C3' ANP E . 11.97 8.07 -30.34
O3' ANP E . 11.68 6.88 -31.08
C2' ANP E . 11.95 9.26 -31.31
O2' ANP E . 11.07 8.94 -32.40
C1' ANP E . 11.33 10.31 -30.40
N9 ANP E . 12.11 11.22 -29.79
C8 ANP E . 12.33 11.33 -28.49
N7 ANP E . 13.40 12.10 -28.27
C5 ANP E . 13.85 12.51 -29.46
C6 ANP E . 14.81 13.40 -29.90
N6 ANP E . 15.72 13.90 -29.06
N1 ANP E . 14.91 13.70 -31.21
C2 ANP E . 14.10 13.16 -32.11
N3 ANP E . 13.18 12.30 -31.72
C4 ANP E . 13.02 11.94 -30.43
PG ANP F . -9.96 -4.52 29.05
O1G ANP F . -10.67 -5.45 29.96
O2G ANP F . -8.48 -4.09 29.52
O3G ANP F . -10.62 -3.05 28.96
PB ANP F . -11.03 -5.46 26.61
O1B ANP F . -12.20 -4.60 26.89
O2B ANP F . -10.55 -5.50 25.21
N3B ANP F . -9.74 -5.04 27.52
PA ANP F . -10.45 -8.20 26.66
O1A ANP F . -11.27 -8.98 25.70
O2A ANP F . -9.15 -7.66 26.21
O3A ANP F . -11.35 -6.94 27.13
O5' ANP F . -10.25 -9.03 28.01
C5' ANP F . -9.54 -8.54 29.15
C4' ANP F . -9.95 -9.29 30.42
O4' ANP F . -11.35 -9.18 30.65
C3' ANP F . -9.79 -10.80 30.24
O3' ANP F . -8.43 -11.03 30.57
C2' ANP F . -10.80 -11.35 31.25
O2' ANP F . -10.24 -11.54 32.56
C1' ANP F . -11.91 -10.30 31.20
N9 ANP F . -13.13 -10.57 30.75
C8 ANP F . -13.24 -10.54 29.42
N7 ANP F . -14.22 -11.31 28.95
C5 ANP F . -14.82 -11.81 30.02
C6 ANP F . -16.10 -12.32 30.23
N6 ANP F . -16.95 -12.48 29.22
N1 ANP F . -16.59 -12.44 31.48
C2 ANP F . -15.90 -12.03 32.53
N3 ANP F . -14.69 -11.50 32.36
C4 ANP F . -14.11 -11.36 31.15
#